data_4JKP
#
_entry.id   4JKP
#
_cell.length_a   69.330
_cell.length_b   70.490
_cell.length_c   232.220
_cell.angle_alpha   90.00
_cell.angle_beta   90.00
_cell.angle_gamma   90.00
#
_symmetry.space_group_name_H-M   'P 21 21 21'
#
loop_
_entity.id
_entity.type
_entity.pdbx_description
1 polymer gp120
2 polymer 'Heavy chain of antibody 45-46M2'
3 polymer 'Light chain of antibody 45-46M2'
4 branched alpha-D-mannopyranose-(1-6)-alpha-D-mannopyranose-(1-6)-[alpha-D-mannopyranose-(1-3)]beta-D-mannopyranose-(1-4)-2-acetamido-2-deoxy-beta-D-glucopyranose-(1-4)-2-acetamido-2-deoxy-beta-D-glucopyranose
5 branched alpha-D-mannopyranose-(1-3)-[alpha-D-mannopyranose-(1-6)]beta-D-mannopyranose-(1-4)-2-acetamido-2-deoxy-beta-D-glucopyranose-(1-4)-2-acetamido-2-deoxy-beta-D-glucopyranose
6 branched beta-D-mannopyranose-(1-4)-2-acetamido-2-deoxy-beta-D-glucopyranose-(1-4)-2-acetamido-2-deoxy-beta-D-glucopyranose
7 non-polymer 2-acetamido-2-deoxy-beta-D-glucopyranose
8 water water
#
loop_
_entity_poly.entity_id
_entity_poly.type
_entity_poly.pdbx_seq_one_letter_code
_entity_poly.pdbx_strand_id
1 'polypeptide(L)'
;VWKDADTTLFCASDAKAHETECHNVWATHACVPTDPNPQEIHLENVTENFNMWKNNMVEQMQEDVISLWDQCLQPCVKLT
GGSVIKQACPKISFDPIPIHYCTPAGYVILKCNDKNFNGTGPCKNVSSVQCTHGIKPVVSTQLLLNGSLAEEEIIIRSEN
LTNNAKTIIVHLNKSVEINCTRPSNGGSGSGGDIRKAYCEINGTKWNKVLKQVTEKLKEHFNNKTIIFQPPSGGDLEITM
HHFNCRGEFFYCNTTQLFNNTCIGNETMKGCNGTITLPCKIKQIINMWQGTGQAMYAPPIDGKINCVSNITGILLTRDGG
ANNTSNETFRPGGGNIKDNWRSELYKYKVVQIEGSHHHHHH
;
G
2 'polypeptide(L)'
;(PCA)VRLSQSGGQMKKPGESMRLSCRASGYEFLNCPINWIRLAPGRRPEWMGWLKPRWGAVNYARKFQGRVTMTRDVYS
DTAFLELRSLTSDDTAVYFCTRGKYCTARDYYNWDFEHWGRGAPVTVSSASTKGPSVFPLAPSSKSTSGGTAALGCLVKD
YFPEPVTVSWNSGALTSGVHTFPAVLQSSGLYSLSSVVTVPSSSLGTQTYICNVNHKPSNTKVDKRVEPKSCD
;
H
3 'polypeptide(L)'
;EIVLTQSPATLSLSPGETAIISCRTSQYGSLAWYQQRPGQAPRLVIYSGSTRAAGIPDRFSGSRWGADYNLSISNLESGD
FGVYYCQQYEFFGQGTKVQVDIKRTVAAPSVFIFPPSDEQLKSGTASVVCLLNNFYPREAKVQWKVDNALQSGNSQESVT
EQDSKDSTYSLSSTLTLSKADYEKHKVYACEVTHQGLSSPVTKSFNRGEC
;
L
#
loop_
_chem_comp.id
_chem_comp.type
_chem_comp.name
_chem_comp.formula
BMA D-saccharide, beta linking beta-D-mannopyranose 'C6 H12 O6'
MAN D-saccharide, alpha linking alpha-D-mannopyranose 'C6 H12 O6'
NAG D-saccharide, beta linking 2-acetamido-2-deoxy-beta-D-glucopyranose 'C8 H15 N O6'
#
# COMPACT_ATOMS: atom_id res chain seq x y z
N VAL A 1 -26.69 -17.24 -31.52
CA VAL A 1 -27.89 -16.41 -31.65
C VAL A 1 -27.66 -15.02 -31.04
N TRP A 2 -27.14 -14.99 -29.82
CA TRP A 2 -26.94 -13.72 -29.14
C TRP A 2 -25.53 -13.51 -28.63
N LYS A 3 -25.24 -12.28 -28.19
CA LYS A 3 -23.92 -11.93 -27.68
C LYS A 3 -24.02 -10.76 -26.70
N ASP A 4 -23.16 -10.75 -25.70
CA ASP A 4 -23.16 -9.71 -24.66
C ASP A 4 -22.98 -8.32 -25.26
N ALA A 5 -23.76 -7.36 -24.78
CA ALA A 5 -23.71 -6.00 -25.30
C ALA A 5 -24.19 -4.95 -24.31
N ASP A 6 -23.79 -3.71 -24.53
CA ASP A 6 -24.22 -2.59 -23.71
C ASP A 6 -25.06 -1.62 -24.53
N THR A 7 -26.28 -1.35 -24.08
CA THR A 7 -27.15 -0.42 -24.78
C THR A 7 -27.69 0.62 -23.82
N THR A 8 -28.63 1.42 -24.30
CA THR A 8 -29.31 2.39 -23.45
C THR A 8 -30.67 1.86 -23.05
N LEU A 9 -30.86 1.61 -21.76
CA LEU A 9 -32.09 1.02 -21.26
C LEU A 9 -33.13 2.10 -21.02
N PHE A 10 -34.39 1.70 -20.96
CA PHE A 10 -35.45 2.62 -20.59
C PHE A 10 -36.18 2.07 -19.39
N CYS A 11 -36.80 2.95 -18.62
CA CYS A 11 -37.37 2.54 -17.34
C CYS A 11 -38.90 2.42 -17.42
N ALA A 12 -39.48 1.64 -16.52
CA ALA A 12 -40.93 1.53 -16.43
C ALA A 12 -41.33 1.48 -14.96
N SER A 13 -42.55 1.94 -14.64
CA SER A 13 -42.99 1.99 -13.25
C SER A 13 -44.49 2.11 -13.10
N ASP A 14 -44.94 2.14 -11.85
CA ASP A 14 -46.36 2.33 -11.54
C ASP A 14 -46.63 3.72 -11.02
N ALA A 15 -45.84 4.69 -11.43
CA ALA A 15 -46.09 6.06 -10.99
C ALA A 15 -47.45 6.56 -11.48
N LYS A 16 -48.12 7.35 -10.65
CA LYS A 16 -49.45 7.87 -10.96
C LYS A 16 -49.46 9.40 -10.94
N ALA A 17 -50.33 10.01 -11.75
CA ALA A 17 -50.35 11.46 -11.89
C ALA A 17 -50.82 12.17 -10.64
N HIS A 18 -51.63 11.50 -9.84
CA HIS A 18 -52.20 12.10 -8.65
C HIS A 18 -51.20 12.15 -7.50
N GLU A 19 -50.14 11.34 -7.59
CA GLU A 19 -49.12 11.31 -6.56
C GLU A 19 -48.08 12.40 -6.79
N THR A 20 -47.89 13.26 -5.81
CA THR A 20 -47.00 14.40 -5.99
C THR A 20 -45.62 14.19 -5.40
N GLU A 21 -45.42 13.04 -4.76
CA GLU A 21 -44.12 12.65 -4.23
C GLU A 21 -43.06 12.71 -5.33
N CYS A 22 -41.85 13.16 -4.96
CA CYS A 22 -40.84 13.55 -5.93
C CYS A 22 -40.39 12.43 -6.88
N HIS A 23 -39.99 11.30 -6.31
CA HIS A 23 -39.58 10.17 -7.14
C HIS A 23 -40.70 9.71 -8.07
N ASN A 24 -41.92 9.76 -7.57
CA ASN A 24 -43.08 9.42 -8.37
C ASN A 24 -43.22 10.32 -9.60
N VAL A 25 -43.10 11.63 -9.38
CA VAL A 25 -43.17 12.61 -10.46
C VAL A 25 -42.06 12.36 -11.48
N TRP A 26 -40.84 12.22 -10.98
CA TRP A 26 -39.70 11.83 -11.79
C TRP A 26 -40.06 10.65 -12.68
N ALA A 27 -40.72 9.65 -12.10
CA ALA A 27 -41.05 8.47 -12.89
C ALA A 27 -42.18 8.72 -13.88
N THR A 28 -43.05 9.70 -13.60
CA THR A 28 -44.08 10.02 -14.59
C THR A 28 -43.44 10.73 -15.76
N HIS A 29 -42.32 11.40 -15.51
CA HIS A 29 -41.65 12.13 -16.59
C HIS A 29 -40.60 11.30 -17.35
N ALA A 30 -40.13 10.22 -16.74
CA ALA A 30 -39.02 9.48 -17.33
C ALA A 30 -39.39 8.08 -17.80
N CYS A 31 -40.49 7.54 -17.28
CA CYS A 31 -40.79 6.14 -17.53
C CYS A 31 -42.07 5.90 -18.32
N VAL A 32 -42.20 4.69 -18.82
CA VAL A 32 -43.43 4.23 -19.42
C VAL A 32 -44.13 3.39 -18.36
N PRO A 33 -45.42 3.09 -18.56
CA PRO A 33 -46.07 2.22 -17.58
C PRO A 33 -45.46 0.82 -17.56
N THR A 34 -45.59 0.16 -16.42
CA THR A 34 -45.14 -1.21 -16.27
C THR A 34 -45.96 -2.08 -17.20
N ASP A 35 -45.29 -3.05 -17.84
CA ASP A 35 -46.01 -3.98 -18.69
C ASP A 35 -47.00 -4.78 -17.86
N PRO A 36 -48.28 -4.69 -18.20
CA PRO A 36 -49.37 -5.38 -17.48
C PRO A 36 -49.17 -6.89 -17.37
N ASN A 37 -48.83 -7.54 -18.46
CA ASN A 37 -48.59 -8.99 -18.43
C ASN A 37 -47.20 -9.38 -18.94
N PRO A 38 -46.20 -9.36 -18.02
CA PRO A 38 -44.82 -9.67 -18.36
C PRO A 38 -44.63 -11.14 -18.70
N GLN A 39 -44.00 -11.41 -19.84
CA GLN A 39 -43.75 -12.78 -20.26
C GLN A 39 -42.28 -13.14 -20.06
N GLU A 40 -42.02 -14.15 -19.24
CA GLU A 40 -40.66 -14.63 -19.03
C GLU A 40 -40.45 -16.00 -19.69
N ILE A 41 -39.76 -16.02 -20.81
CA ILE A 41 -39.54 -17.27 -21.52
C ILE A 41 -38.25 -17.96 -21.09
N HIS A 42 -38.36 -19.22 -20.71
CA HIS A 42 -37.23 -20.01 -20.23
C HIS A 42 -36.35 -20.50 -21.38
N LEU A 43 -35.04 -20.55 -21.16
CA LEU A 43 -34.11 -21.07 -22.16
C LEU A 43 -33.62 -22.46 -21.77
N GLU A 44 -33.80 -23.42 -22.68
CA GLU A 44 -33.52 -24.81 -22.37
C GLU A 44 -32.15 -25.24 -22.87
N ASN A 45 -31.45 -26.04 -22.06
CA ASN A 45 -30.09 -26.48 -22.37
C ASN A 45 -29.12 -25.33 -22.63
N VAL A 46 -29.31 -24.23 -21.90
CA VAL A 46 -28.46 -23.07 -22.07
C VAL A 46 -27.72 -22.73 -20.79
N THR A 47 -26.41 -22.55 -20.90
CA THR A 47 -25.61 -22.07 -19.79
C THR A 47 -24.88 -20.80 -20.21
N GLU A 48 -24.98 -19.76 -19.38
CA GLU A 48 -24.38 -18.47 -19.69
C GLU A 48 -23.62 -17.91 -18.49
N ASN A 49 -22.58 -17.15 -18.75
CA ASN A 49 -21.78 -16.54 -17.68
C ASN A 49 -22.24 -15.14 -17.31
N PHE A 50 -22.50 -14.93 -16.01
CA PHE A 50 -22.86 -13.61 -15.51
C PHE A 50 -21.68 -13.02 -14.75
N ASN A 51 -21.73 -11.71 -14.51
CA ASN A 51 -20.68 -11.01 -13.78
C ASN A 51 -21.22 -9.71 -13.23
N MET A 52 -21.78 -9.77 -12.02
CA MET A 52 -22.44 -8.61 -11.42
C MET A 52 -21.50 -7.43 -11.25
N TRP A 53 -20.20 -7.69 -11.24
CA TRP A 53 -19.20 -6.65 -11.02
C TRP A 53 -18.75 -6.00 -12.32
N LYS A 54 -19.25 -6.55 -13.42
CA LYS A 54 -19.05 -6.00 -14.76
C LYS A 54 -20.40 -5.95 -15.47
N ASN A 55 -21.22 -4.97 -15.12
CA ASN A 55 -22.58 -4.91 -15.62
C ASN A 55 -23.00 -3.45 -15.85
N ASN A 56 -23.12 -3.06 -17.12
CA ASN A 56 -23.40 -1.66 -17.47
C ASN A 56 -24.73 -1.13 -16.93
N MET A 57 -25.65 -2.06 -16.66
CA MET A 57 -26.95 -1.74 -16.07
C MET A 57 -26.77 -0.91 -14.80
N VAL A 58 -25.74 -1.25 -14.05
CA VAL A 58 -25.37 -0.55 -12.83
C VAL A 58 -25.01 0.90 -13.13
N GLU A 59 -24.26 1.09 -14.20
CA GLU A 59 -23.84 2.43 -14.57
C GLU A 59 -25.05 3.27 -14.94
N GLN A 60 -25.94 2.69 -15.74
CA GLN A 60 -27.13 3.43 -16.14
C GLN A 60 -27.97 3.80 -14.93
N MET A 61 -28.21 2.82 -14.07
CA MET A 61 -28.99 3.09 -12.86
C MET A 61 -28.34 4.21 -12.06
N GLN A 62 -27.01 4.20 -12.00
CA GLN A 62 -26.28 5.24 -11.29
C GLN A 62 -26.56 6.62 -11.88
N GLU A 63 -26.52 6.73 -13.20
CA GLU A 63 -26.79 8.03 -13.82
CA GLU A 63 -26.81 8.00 -13.89
C GLU A 63 -28.23 8.47 -13.57
N ASP A 64 -29.18 7.54 -13.68
CA ASP A 64 -30.58 7.81 -13.39
C ASP A 64 -30.76 8.35 -11.97
N VAL A 65 -30.28 7.62 -10.98
CA VAL A 65 -30.41 8.02 -9.60
C VAL A 65 -29.71 9.34 -9.32
N ILE A 66 -28.60 9.59 -9.99
CA ILE A 66 -27.95 10.88 -9.85
C ILE A 66 -28.88 11.98 -10.35
N SER A 67 -29.54 11.74 -11.48
CA SER A 67 -30.49 12.70 -12.01
C SER A 67 -31.64 12.95 -11.05
N LEU A 68 -32.21 11.85 -10.57
CA LEU A 68 -33.32 11.85 -9.63
C LEU A 68 -32.98 12.71 -8.42
N TRP A 69 -31.86 12.41 -7.76
CA TRP A 69 -31.42 13.23 -6.63
C TRP A 69 -31.15 14.68 -7.05
N ASP A 70 -30.77 14.87 -8.30
CA ASP A 70 -30.42 16.19 -8.76
C ASP A 70 -31.68 17.05 -8.80
N GLN A 71 -32.79 16.43 -9.16
CA GLN A 71 -34.03 17.20 -9.26
C GLN A 71 -34.92 17.11 -8.01
N CYS A 72 -34.60 16.20 -7.11
CA CYS A 72 -35.43 15.97 -5.93
C CYS A 72 -34.78 16.37 -4.62
N LEU A 73 -33.55 15.89 -4.40
CA LEU A 73 -32.82 16.21 -3.18
C LEU A 73 -31.91 17.40 -3.42
N GLN A 74 -32.51 18.54 -3.75
CA GLN A 74 -31.74 19.76 -3.99
C GLN A 74 -31.30 20.42 -2.69
N PRO A 75 -29.99 20.45 -2.44
CA PRO A 75 -29.42 21.04 -1.22
C PRO A 75 -29.45 22.55 -1.26
N CYS A 76 -29.38 23.19 -0.09
CA CYS A 76 -29.47 24.65 -0.01
C CYS A 76 -28.22 25.32 -0.59
N VAL A 77 -27.05 24.85 -0.16
CA VAL A 77 -25.79 25.31 -0.77
C VAL A 77 -24.89 24.13 -1.12
N LYS A 78 -24.05 24.29 -2.15
CA LYS A 78 -23.11 23.26 -2.55
C LYS A 78 -21.66 23.76 -2.55
N LEU A 79 -20.81 23.18 -1.71
CA LEU A 79 -19.50 23.79 -1.58
C LEU A 79 -18.46 23.06 -2.48
N THR A 80 -18.28 23.57 -3.71
CA THR A 80 -17.34 22.98 -4.70
C THR A 80 -15.97 23.69 -4.79
N GLY A 81 -14.85 23.01 -4.62
CA GLY A 81 -13.54 23.67 -4.72
C GLY A 81 -13.08 24.62 -3.60
N GLY A 82 -13.12 25.94 -3.80
CA GLY A 82 -13.63 26.60 -4.99
C GLY A 82 -14.86 27.44 -4.68
N SER A 83 -15.82 27.44 -5.61
CA SER A 83 -17.08 28.20 -5.46
C SER A 83 -18.02 27.63 -4.37
N VAL A 84 -19.00 28.43 -4.02
CA VAL A 84 -20.02 28.08 -3.05
C VAL A 84 -21.38 28.46 -3.63
N ILE A 85 -21.87 27.62 -4.55
CA ILE A 85 -23.14 27.91 -5.21
C ILE A 85 -24.37 27.70 -4.33
N LYS A 86 -25.09 28.79 -4.07
CA LYS A 86 -26.30 28.76 -3.26
C LYS A 86 -27.52 28.56 -4.15
N GLN A 87 -28.59 28.02 -3.56
CA GLN A 87 -29.82 27.78 -4.31
C GLN A 87 -31.04 27.56 -3.39
N ALA A 88 -32.17 27.19 -3.97
CA ALA A 88 -33.42 27.03 -3.22
C ALA A 88 -33.49 25.68 -2.51
N CYS A 89 -34.08 25.68 -1.32
CA CYS A 89 -34.11 24.49 -0.49
C CYS A 89 -35.53 24.21 0.02
N PRO A 90 -36.37 23.63 -0.83
CA PRO A 90 -37.78 23.40 -0.51
C PRO A 90 -37.97 22.22 0.45
N LYS A 91 -39.21 21.98 0.88
CA LYS A 91 -39.52 20.77 1.64
C LYS A 91 -39.52 19.60 0.67
N ILE A 92 -38.99 18.47 1.10
CA ILE A 92 -38.85 17.32 0.21
C ILE A 92 -39.72 16.13 0.62
N SER A 93 -40.77 15.89 -0.15
CA SER A 93 -41.54 14.65 0.00
C SER A 93 -40.88 13.58 -0.85
N PHE A 94 -40.00 12.79 -0.24
CA PHE A 94 -39.24 11.79 -0.98
C PHE A 94 -39.42 10.39 -0.40
N ASP A 95 -39.95 9.49 -1.22
CA ASP A 95 -40.12 8.09 -0.82
C ASP A 95 -40.03 7.20 -2.05
N PRO A 96 -38.89 6.50 -2.20
CA PRO A 96 -38.51 5.73 -3.40
C PRO A 96 -39.55 4.69 -3.82
N ILE A 97 -39.77 4.57 -5.13
CA ILE A 97 -40.70 3.59 -5.65
C ILE A 97 -39.92 2.62 -6.53
N PRO A 98 -40.47 1.41 -6.76
CA PRO A 98 -39.82 0.43 -7.64
C PRO A 98 -39.72 0.90 -9.09
N ILE A 99 -38.53 0.78 -9.65
CA ILE A 99 -38.32 1.12 -11.05
C ILE A 99 -37.89 -0.13 -11.78
N HIS A 100 -38.49 -0.39 -12.94
CA HIS A 100 -38.12 -1.53 -13.76
C HIS A 100 -37.18 -1.05 -14.84
N TYR A 101 -36.17 -1.84 -15.18
CA TYR A 101 -35.27 -1.50 -16.27
C TYR A 101 -35.50 -2.40 -17.48
N CYS A 102 -35.65 -1.77 -18.64
CA CYS A 102 -36.11 -2.46 -19.83
C CYS A 102 -35.19 -2.21 -21.03
N THR A 103 -35.12 -3.18 -21.93
CA THR A 103 -34.25 -3.10 -23.10
C THR A 103 -34.98 -2.64 -24.34
N PRO A 104 -34.32 -1.85 -25.18
CA PRO A 104 -34.90 -1.40 -26.45
C PRO A 104 -34.96 -2.55 -27.45
N ALA A 105 -35.41 -2.28 -28.68
CA ALA A 105 -35.52 -3.33 -29.68
C ALA A 105 -34.16 -3.88 -30.09
N GLY A 106 -34.12 -5.18 -30.35
CA GLY A 106 -32.90 -5.84 -30.76
C GLY A 106 -32.12 -6.40 -29.58
N TYR A 107 -32.51 -5.99 -28.38
CA TYR A 107 -31.86 -6.46 -27.17
C TYR A 107 -32.85 -7.20 -26.27
N VAL A 108 -32.33 -7.87 -25.26
CA VAL A 108 -33.15 -8.64 -24.34
C VAL A 108 -32.32 -8.94 -23.09
N ILE A 109 -32.98 -9.00 -21.93
CA ILE A 109 -32.27 -9.29 -20.69
C ILE A 109 -32.29 -10.79 -20.44
N LEU A 110 -31.15 -11.34 -20.06
CA LEU A 110 -31.10 -12.73 -19.60
C LEU A 110 -31.07 -12.69 -18.08
N LYS A 111 -31.75 -13.65 -17.46
CA LYS A 111 -31.86 -13.69 -16.01
C LYS A 111 -31.42 -15.05 -15.49
N CYS A 112 -30.73 -15.04 -14.37
CA CYS A 112 -30.27 -16.27 -13.73
C CYS A 112 -31.27 -16.73 -12.65
N ASN A 113 -31.85 -17.91 -12.85
CA ASN A 113 -32.80 -18.42 -11.87
C ASN A 113 -32.20 -19.43 -10.90
N ASP A 114 -30.88 -19.59 -10.95
CA ASP A 114 -30.17 -20.42 -9.99
C ASP A 114 -30.34 -19.81 -8.61
N LYS A 115 -30.73 -20.63 -7.64
CA LYS A 115 -31.13 -20.13 -6.33
C LYS A 115 -29.95 -19.56 -5.53
N ASN A 116 -28.85 -20.30 -5.47
CA ASN A 116 -27.69 -19.87 -4.71
C ASN A 116 -26.57 -19.24 -5.55
N PHE A 117 -26.95 -18.65 -6.68
CA PHE A 117 -26.01 -17.98 -7.57
C PHE A 117 -25.40 -16.74 -6.90
N ASN A 118 -24.07 -16.65 -6.91
CA ASN A 118 -23.39 -15.59 -6.17
C ASN A 118 -23.08 -14.31 -6.97
N GLY A 119 -23.43 -14.29 -8.25
CA GLY A 119 -23.21 -13.10 -9.05
C GLY A 119 -22.22 -13.23 -10.19
N THR A 120 -21.28 -14.16 -10.09
CA THR A 120 -20.35 -14.42 -11.17
C THR A 120 -20.26 -15.93 -11.46
N GLY A 121 -19.82 -16.26 -12.65
CA GLY A 121 -19.74 -17.66 -13.06
C GLY A 121 -20.90 -18.07 -13.95
N PRO A 122 -20.91 -19.34 -14.35
CA PRO A 122 -21.96 -19.87 -15.24
C PRO A 122 -23.28 -20.11 -14.51
N CYS A 123 -24.39 -19.83 -15.19
CA CYS A 123 -25.72 -20.12 -14.69
C CYS A 123 -26.38 -21.07 -15.68
N LYS A 124 -27.05 -22.11 -15.18
CA LYS A 124 -27.66 -23.12 -16.05
C LYS A 124 -29.18 -23.13 -16.06
N ASN A 125 -29.81 -22.21 -15.33
CA ASN A 125 -31.25 -22.02 -15.41
C ASN A 125 -31.54 -20.61 -15.90
N VAL A 126 -31.17 -20.33 -17.15
CA VAL A 126 -31.28 -18.98 -17.69
C VAL A 126 -32.66 -18.78 -18.30
N SER A 127 -33.22 -17.59 -18.13
CA SER A 127 -34.46 -17.27 -18.83
C SER A 127 -34.36 -15.91 -19.48
N SER A 128 -35.32 -15.59 -20.32
CA SER A 128 -35.32 -14.34 -21.05
C SER A 128 -36.43 -13.43 -20.54
N VAL A 129 -36.08 -12.19 -20.19
CA VAL A 129 -37.06 -11.19 -19.79
C VAL A 129 -36.88 -9.88 -20.56
N GLN A 130 -37.92 -9.06 -20.58
CA GLN A 130 -37.87 -7.78 -21.26
C GLN A 130 -37.66 -6.67 -20.24
N CYS A 131 -37.80 -7.01 -18.96
CA CYS A 131 -37.74 -6.01 -17.89
C CYS A 131 -37.25 -6.64 -16.58
N THR A 132 -36.54 -5.85 -15.78
CA THR A 132 -36.13 -6.33 -14.48
C THR A 132 -37.32 -6.26 -13.54
N HIS A 133 -37.17 -6.80 -12.33
CA HIS A 133 -38.17 -6.62 -11.30
C HIS A 133 -38.08 -5.18 -10.80
N GLY A 134 -39.09 -4.73 -10.07
CA GLY A 134 -39.09 -3.39 -9.52
C GLY A 134 -37.98 -3.17 -8.51
N ILE A 135 -37.16 -2.15 -8.76
CA ILE A 135 -36.04 -1.85 -7.89
C ILE A 135 -36.10 -0.44 -7.33
N LYS A 136 -36.30 -0.33 -6.03
CA LYS A 136 -36.27 0.97 -5.36
C LYS A 136 -34.83 1.47 -5.23
N PRO A 137 -34.53 2.64 -5.81
CA PRO A 137 -33.20 3.23 -5.69
C PRO A 137 -32.96 3.77 -4.27
N VAL A 138 -32.72 2.87 -3.32
CA VAL A 138 -32.57 3.23 -1.91
C VAL A 138 -31.11 3.46 -1.56
N VAL A 139 -30.73 4.71 -1.35
CA VAL A 139 -29.34 5.03 -1.06
C VAL A 139 -28.99 4.91 0.42
N SER A 140 -28.17 3.91 0.77
CA SER A 140 -27.77 3.73 2.17
C SER A 140 -26.39 3.08 2.30
N THR A 141 -25.75 3.25 3.45
CA THR A 141 -24.45 2.65 3.70
C THR A 141 -24.53 1.59 4.80
N GLN A 142 -23.51 0.74 4.85
CA GLN A 142 -23.41 -0.39 5.78
C GLN A 142 -24.54 -1.41 5.62
N LEU A 143 -25.78 -0.95 5.69
CA LEU A 143 -26.93 -1.83 5.60
C LEU A 143 -27.66 -1.56 4.28
N LEU A 144 -28.10 -2.62 3.62
CA LEU A 144 -28.91 -2.48 2.41
C LEU A 144 -30.38 -2.57 2.81
N LEU A 145 -31.15 -1.55 2.44
CA LEU A 145 -32.54 -1.45 2.89
C LEU A 145 -33.56 -1.68 1.79
N ASN A 146 -34.69 -2.28 2.17
CA ASN A 146 -35.86 -2.44 1.28
C ASN A 146 -35.56 -3.11 -0.06
N GLY A 147 -34.53 -3.96 -0.09
CA GLY A 147 -34.17 -4.67 -1.31
C GLY A 147 -34.84 -6.02 -1.40
N SER A 148 -34.39 -6.85 -2.34
CA SER A 148 -34.91 -8.21 -2.49
C SER A 148 -34.09 -9.16 -1.63
N LEU A 149 -34.69 -10.28 -1.22
CA LEU A 149 -34.00 -11.25 -0.38
C LEU A 149 -33.50 -12.45 -1.20
N ALA A 150 -32.49 -13.14 -0.68
CA ALA A 150 -32.04 -14.38 -1.28
C ALA A 150 -33.14 -15.43 -1.11
N GLU A 151 -33.41 -16.18 -2.16
CA GLU A 151 -34.57 -17.07 -2.18
C GLU A 151 -34.38 -18.34 -1.34
N GLU A 152 -33.14 -18.78 -1.19
CA GLU A 152 -32.83 -19.97 -0.37
C GLU A 152 -31.96 -19.67 0.84
N GLU A 153 -30.64 -19.78 0.66
CA GLU A 153 -29.72 -19.55 1.76
C GLU A 153 -29.10 -18.16 1.69
N ILE A 154 -28.40 -17.76 2.76
CA ILE A 154 -27.66 -16.51 2.76
C ILE A 154 -26.55 -16.59 1.73
N ILE A 155 -26.31 -15.50 1.00
CA ILE A 155 -25.33 -15.54 -0.08
C ILE A 155 -24.25 -14.49 0.08
N ILE A 156 -22.98 -14.92 0.00
CA ILE A 156 -21.85 -14.00 0.07
C ILE A 156 -21.40 -13.63 -1.34
N ARG A 157 -21.36 -12.34 -1.62
CA ARG A 157 -21.00 -11.86 -2.97
C ARG A 157 -19.75 -11.03 -2.92
N SER A 158 -18.82 -11.31 -3.84
CA SER A 158 -17.58 -10.56 -3.91
C SER A 158 -16.92 -10.84 -5.25
N GLU A 159 -16.31 -9.82 -5.84
CA GLU A 159 -15.64 -9.99 -7.11
C GLU A 159 -14.55 -11.02 -6.92
N ASN A 160 -13.87 -10.93 -5.77
CA ASN A 160 -12.91 -11.94 -5.36
C ASN A 160 -12.71 -11.88 -3.85
N LEU A 161 -13.06 -12.97 -3.17
CA LEU A 161 -13.06 -12.97 -1.71
C LEU A 161 -11.71 -12.78 -1.04
N THR A 162 -10.64 -13.17 -1.72
CA THR A 162 -9.31 -13.03 -1.15
C THR A 162 -8.72 -11.63 -1.37
N ASN A 163 -9.37 -10.85 -2.23
CA ASN A 163 -8.96 -9.47 -2.45
C ASN A 163 -9.62 -8.53 -1.47
N ASN A 164 -8.87 -8.12 -0.45
CA ASN A 164 -9.43 -7.29 0.61
C ASN A 164 -9.93 -5.94 0.10
N ALA A 165 -9.40 -5.50 -1.04
CA ALA A 165 -9.85 -4.26 -1.67
C ALA A 165 -11.27 -4.36 -2.23
N LYS A 166 -11.79 -5.59 -2.31
CA LYS A 166 -13.10 -5.82 -2.90
C LYS A 166 -14.19 -5.87 -1.83
N THR A 167 -15.30 -5.19 -2.11
CA THR A 167 -16.41 -5.15 -1.19
C THR A 167 -17.08 -6.51 -1.12
N ILE A 168 -17.60 -6.83 0.07
CA ILE A 168 -18.35 -8.06 0.27
C ILE A 168 -19.79 -7.70 0.54
N ILE A 169 -20.70 -8.23 -0.26
CA ILE A 169 -22.11 -8.00 -0.05
C ILE A 169 -22.73 -9.24 0.53
N VAL A 170 -23.34 -9.12 1.70
CA VAL A 170 -24.03 -10.25 2.29
C VAL A 170 -25.52 -10.14 2.01
N HIS A 171 -26.06 -11.09 1.25
CA HIS A 171 -27.48 -11.11 0.90
C HIS A 171 -28.24 -12.03 1.86
N LEU A 172 -29.16 -11.46 2.62
CA LEU A 172 -29.94 -12.22 3.59
C LEU A 172 -31.09 -12.96 2.94
N ASN A 173 -31.49 -14.09 3.54
CA ASN A 173 -32.64 -14.84 3.05
C ASN A 173 -33.88 -14.60 3.92
N LYS A 174 -33.71 -13.78 4.94
CA LYS A 174 -34.82 -13.36 5.81
C LYS A 174 -34.50 -11.99 6.39
N SER A 175 -35.38 -11.03 6.16
CA SER A 175 -35.08 -9.65 6.53
C SER A 175 -35.36 -9.38 8.00
N VAL A 176 -34.85 -8.25 8.47
CA VAL A 176 -34.98 -7.83 9.86
C VAL A 176 -35.33 -6.35 9.86
N GLU A 177 -36.48 -6.01 10.45
CA GLU A 177 -36.92 -4.63 10.46
C GLU A 177 -36.01 -3.74 11.31
N ILE A 178 -35.82 -2.52 10.85
CA ILE A 178 -35.12 -1.51 11.62
C ILE A 178 -36.05 -0.30 11.72
N ASN A 179 -36.34 0.11 12.95
CA ASN A 179 -37.37 1.09 13.23
C ASN A 179 -36.73 2.38 13.74
N CYS A 180 -36.67 3.38 12.89
CA CYS A 180 -36.00 4.62 13.26
C CYS A 180 -37.01 5.72 13.57
N THR A 181 -36.77 6.44 14.67
CA THR A 181 -37.71 7.47 15.07
C THR A 181 -36.98 8.72 15.55
N ARG A 182 -37.54 9.88 15.22
CA ARG A 182 -37.14 11.13 15.85
C ARG A 182 -38.36 11.80 16.49
N PRO A 183 -38.39 11.85 17.83
CA PRO A 183 -39.51 12.39 18.62
C PRO A 183 -39.81 13.88 18.34
N SER A 184 -40.94 14.36 18.85
CA SER A 184 -41.34 15.76 18.68
C SER A 184 -40.75 16.67 19.76
N ASN A 185 -41.02 17.98 19.64
CA ASN A 185 -40.52 18.99 20.57
C ASN A 185 -39.00 19.05 20.66
N ASP A 193 -33.46 18.53 22.02
CA ASP A 193 -32.59 18.54 20.84
C ASP A 193 -33.27 17.87 19.65
N ILE A 194 -33.56 18.65 18.61
CA ILE A 194 -34.36 18.14 17.50
C ILE A 194 -33.54 17.40 16.45
N ARG A 195 -32.31 17.04 16.80
CA ARG A 195 -31.44 16.32 15.86
C ARG A 195 -31.22 14.89 16.33
N LYS A 196 -31.41 14.64 17.63
CA LYS A 196 -31.19 13.33 18.21
C LYS A 196 -32.32 12.35 17.87
N ALA A 197 -31.96 11.19 17.35
CA ALA A 197 -32.94 10.17 16.99
C ALA A 197 -32.45 8.79 17.42
N TYR A 198 -33.21 7.75 17.11
CA TYR A 198 -32.81 6.39 17.48
C TYR A 198 -33.38 5.32 16.55
N CYS A 199 -32.77 4.14 16.58
CA CYS A 199 -33.19 3.05 15.73
C CYS A 199 -33.36 1.78 16.53
N GLU A 200 -34.53 1.17 16.45
CA GLU A 200 -34.78 -0.05 17.21
C GLU A 200 -34.74 -1.28 16.31
N ILE A 201 -34.09 -2.34 16.79
CA ILE A 201 -34.01 -3.62 16.09
C ILE A 201 -34.25 -4.75 17.08
N ASN A 202 -35.04 -5.74 16.68
CA ASN A 202 -35.22 -6.92 17.52
C ASN A 202 -33.91 -7.68 17.65
N GLY A 203 -33.35 -7.67 18.87
CA GLY A 203 -32.06 -8.30 19.13
C GLY A 203 -31.99 -9.76 18.72
N THR A 204 -33.01 -10.52 19.10
CA THR A 204 -33.07 -11.96 18.79
C THR A 204 -32.94 -12.26 17.30
N LYS A 205 -33.82 -11.66 16.50
CA LYS A 205 -33.80 -11.83 15.05
C LYS A 205 -32.43 -11.48 14.48
N TRP A 206 -31.97 -10.28 14.79
CA TRP A 206 -30.72 -9.77 14.22
C TRP A 206 -29.54 -10.67 14.57
N ASN A 207 -29.50 -11.14 15.81
CA ASN A 207 -28.41 -11.99 16.26
C ASN A 207 -28.44 -13.39 15.64
N LYS A 208 -29.64 -13.93 15.46
CA LYS A 208 -29.81 -15.21 14.76
C LYS A 208 -29.27 -15.07 13.33
N VAL A 209 -29.69 -14.01 12.66
CA VAL A 209 -29.22 -13.72 11.31
C VAL A 209 -27.70 -13.57 11.24
N LEU A 210 -27.13 -12.75 12.11
CA LEU A 210 -25.68 -12.52 12.16
C LEU A 210 -24.93 -13.84 12.38
N LYS A 211 -25.44 -14.64 13.30
CA LYS A 211 -24.91 -15.98 13.53
C LYS A 211 -24.87 -16.75 12.21
N GLN A 212 -25.97 -16.66 11.45
CA GLN A 212 -26.06 -17.37 10.17
C GLN A 212 -25.07 -16.85 9.12
N VAL A 213 -24.80 -15.55 9.14
CA VAL A 213 -23.82 -15.01 8.19
C VAL A 213 -22.38 -15.29 8.60
N THR A 214 -22.12 -15.45 9.90
CA THR A 214 -20.78 -15.80 10.34
C THR A 214 -20.52 -17.24 9.97
N GLU A 215 -21.53 -18.08 10.21
CA GLU A 215 -21.43 -19.50 9.91
C GLU A 215 -21.33 -19.71 8.41
N LYS A 216 -21.89 -18.78 7.64
CA LYS A 216 -21.79 -18.82 6.19
C LYS A 216 -20.41 -18.39 5.70
N LEU A 217 -19.94 -17.26 6.25
CA LEU A 217 -18.61 -16.72 5.95
C LEU A 217 -17.52 -17.72 6.29
N LYS A 218 -17.77 -18.51 7.34
CA LYS A 218 -16.84 -19.53 7.81
C LYS A 218 -16.58 -20.60 6.75
N GLU A 219 -17.55 -20.78 5.85
CA GLU A 219 -17.45 -21.77 4.76
C GLU A 219 -16.50 -21.30 3.66
N HIS A 220 -16.38 -19.98 3.52
CA HIS A 220 -15.49 -19.40 2.51
C HIS A 220 -14.14 -19.07 3.11
N PHE A 221 -13.94 -19.45 4.37
CA PHE A 221 -12.66 -19.27 5.04
C PHE A 221 -12.30 -20.49 5.89
N ASN A 222 -12.54 -21.69 5.33
CA ASN A 222 -11.87 -22.91 5.81
C ASN A 222 -11.85 -23.01 7.32
N ASN A 223 -12.99 -22.71 7.96
CA ASN A 223 -13.10 -22.79 9.41
C ASN A 223 -12.00 -21.93 10.06
N LYS A 224 -12.09 -20.62 9.81
CA LYS A 224 -11.22 -19.68 10.49
C LYS A 224 -12.19 -18.95 11.37
N THR A 225 -11.74 -18.48 12.53
CA THR A 225 -12.63 -17.79 13.45
C THR A 225 -13.10 -16.45 12.79
N ILE A 226 -14.41 -16.17 12.67
CA ILE A 226 -14.87 -14.90 12.07
C ILE A 226 -15.24 -13.80 13.13
N ILE A 227 -14.65 -12.59 13.07
CA ILE A 227 -14.85 -11.54 14.05
C ILE A 227 -15.29 -10.24 13.37
N PHE A 228 -16.33 -9.61 13.92
CA PHE A 228 -16.77 -8.30 13.44
C PHE A 228 -16.19 -7.17 14.29
N GLN A 229 -16.02 -6.00 13.69
CA GLN A 229 -15.46 -4.85 14.39
C GLN A 229 -16.00 -3.57 13.78
N PRO A 230 -16.03 -2.48 14.58
CA PRO A 230 -16.46 -1.19 14.05
C PRO A 230 -15.50 -0.71 12.96
N PRO A 231 -15.95 0.23 12.11
CA PRO A 231 -15.09 0.79 11.05
C PRO A 231 -13.80 1.37 11.61
N SER A 232 -12.77 1.48 10.77
CA SER A 232 -11.47 1.97 11.22
C SER A 232 -11.30 3.46 10.96
N GLY A 233 -12.18 4.04 10.14
CA GLY A 233 -12.04 5.43 9.78
C GLY A 233 -12.88 5.78 8.57
N GLY A 234 -12.89 7.05 8.20
CA GLY A 234 -13.70 7.50 7.08
C GLY A 234 -14.75 8.52 7.49
N ASP A 235 -15.44 9.09 6.50
CA ASP A 235 -16.48 10.08 6.79
C ASP A 235 -17.63 9.44 7.60
N LEU A 236 -18.43 10.26 8.27
CA LEU A 236 -19.52 9.71 9.07
C LEU A 236 -20.47 8.88 8.20
N GLU A 237 -20.59 9.23 6.93
CA GLU A 237 -21.47 8.51 6.02
C GLU A 237 -21.10 7.03 5.89
N ILE A 238 -19.83 6.71 6.16
CA ILE A 238 -19.35 5.34 5.98
C ILE A 238 -19.04 4.66 7.33
N THR A 239 -18.63 5.43 8.33
CA THR A 239 -18.41 4.86 9.65
C THR A 239 -19.72 4.62 10.38
N MET A 240 -20.80 5.20 9.86
CA MET A 240 -22.12 5.00 10.45
C MET A 240 -23.15 4.58 9.41
N HIS A 241 -24.23 3.96 9.85
CA HIS A 241 -25.33 3.61 8.97
C HIS A 241 -25.96 4.90 8.48
N HIS A 242 -25.79 5.22 7.21
CA HIS A 242 -26.28 6.49 6.69
C HIS A 242 -27.44 6.30 5.73
N PHE A 243 -28.56 6.97 5.98
CA PHE A 243 -29.70 6.83 5.07
C PHE A 243 -30.58 8.06 5.09
N ASN A 244 -31.65 8.00 4.32
CA ASN A 244 -32.54 9.13 4.17
C ASN A 244 -33.94 8.75 4.61
N CYS A 245 -34.60 9.63 5.36
CA CYS A 245 -35.98 9.37 5.76
C CYS A 245 -36.74 10.68 5.86
N ARG A 246 -37.86 10.74 5.14
CA ARG A 246 -38.73 11.91 5.15
C ARG A 246 -37.97 13.17 4.76
N GLY A 247 -36.96 13.00 3.91
CA GLY A 247 -36.15 14.11 3.45
C GLY A 247 -35.00 14.46 4.38
N GLU A 248 -35.00 13.87 5.58
CA GLU A 248 -33.94 14.09 6.56
C GLU A 248 -32.79 13.09 6.41
N PHE A 249 -31.57 13.51 6.74
CA PHE A 249 -30.41 12.64 6.61
C PHE A 249 -29.93 12.04 7.92
N PHE A 250 -30.16 10.74 8.08
CA PHE A 250 -29.86 10.02 9.31
C PHE A 250 -28.49 9.35 9.29
N TYR A 251 -27.83 9.37 10.46
CA TYR A 251 -26.59 8.66 10.71
C TYR A 251 -26.74 7.87 12.01
N CYS A 252 -26.54 6.56 11.96
CA CYS A 252 -26.70 5.70 13.14
C CYS A 252 -25.45 4.90 13.50
N ASN A 253 -25.09 4.95 14.77
CA ASN A 253 -23.98 4.18 15.31
C ASN A 253 -24.38 2.71 15.35
N THR A 254 -23.68 1.87 14.58
CA THR A 254 -24.05 0.45 14.47
C THR A 254 -23.16 -0.48 15.26
N THR A 255 -22.42 0.05 16.23
CA THR A 255 -21.53 -0.76 17.05
C THR A 255 -22.25 -1.96 17.67
N GLN A 256 -23.37 -1.70 18.35
CA GLN A 256 -24.13 -2.75 19.04
C GLN A 256 -24.64 -3.82 18.09
N LEU A 257 -24.73 -3.48 16.80
CA LEU A 257 -25.20 -4.42 15.79
C LEU A 257 -24.16 -5.48 15.52
N PHE A 258 -22.91 -5.15 15.74
CA PHE A 258 -21.82 -6.07 15.41
C PHE A 258 -21.03 -6.45 16.68
N ASN A 259 -21.79 -6.90 17.68
CA ASN A 259 -21.25 -7.36 18.96
C ASN A 259 -20.97 -8.85 18.88
N ASN A 260 -19.70 -9.22 18.99
CA ASN A 260 -19.30 -10.62 18.82
C ASN A 260 -19.75 -11.53 19.95
N THR A 261 -19.97 -10.94 21.13
CA THR A 261 -20.31 -11.74 22.31
C THR A 261 -21.75 -12.26 22.23
N CYS A 262 -22.64 -11.46 21.65
CA CYS A 262 -24.06 -11.81 21.57
C CYS A 262 -24.38 -12.79 20.44
N ILE A 263 -23.80 -13.99 20.53
CA ILE A 263 -24.07 -15.06 19.56
C ILE A 263 -24.29 -16.42 20.25
N GLY A 270 -27.33 -11.68 28.44
CA GLY A 270 -28.43 -10.93 27.86
C GLY A 270 -28.31 -10.84 26.35
N CYS A 271 -28.43 -9.62 25.82
CA CYS A 271 -28.27 -9.36 24.39
C CYS A 271 -29.23 -10.16 23.50
N ASN A 272 -30.53 -10.06 23.79
CA ASN A 272 -31.54 -10.67 22.94
C ASN A 272 -32.88 -9.95 23.04
N GLY A 273 -32.87 -8.80 23.72
CA GLY A 273 -34.04 -7.97 23.83
C GLY A 273 -34.16 -7.05 22.61
N THR A 274 -34.36 -5.76 22.87
CA THR A 274 -34.43 -4.77 21.79
C THR A 274 -33.18 -3.91 21.74
N ILE A 275 -32.46 -4.02 20.62
CA ILE A 275 -31.25 -3.25 20.38
C ILE A 275 -31.60 -1.83 19.93
N THR A 276 -31.19 -0.83 20.70
CA THR A 276 -31.50 0.55 20.35
C THR A 276 -30.26 1.38 20.01
N LEU A 277 -30.23 1.91 18.80
CA LEU A 277 -29.05 2.58 18.25
C LEU A 277 -29.15 4.09 18.36
N PRO A 278 -28.08 4.75 18.82
CA PRO A 278 -28.06 6.21 18.82
C PRO A 278 -28.00 6.74 17.39
N CYS A 279 -28.84 7.72 17.06
CA CYS A 279 -28.81 8.32 15.73
C CYS A 279 -28.73 9.83 15.79
N LYS A 280 -28.46 10.43 14.66
CA LYS A 280 -28.30 11.87 14.56
C LYS A 280 -28.80 12.31 13.19
N ILE A 281 -29.45 13.46 13.12
CA ILE A 281 -29.88 13.97 11.83
C ILE A 281 -28.99 15.14 11.44
N LYS A 282 -28.29 15.01 10.32
CA LYS A 282 -27.34 16.05 9.93
C LYS A 282 -27.87 16.93 8.80
N GLN A 283 -27.38 18.16 8.76
CA GLN A 283 -27.78 19.12 7.73
C GLN A 283 -26.60 19.36 6.80
N ILE A 284 -25.39 19.16 7.32
CA ILE A 284 -24.20 19.26 6.51
C ILE A 284 -23.69 17.86 6.19
N ILE A 285 -23.86 17.43 4.94
CA ILE A 285 -23.48 16.07 4.59
C ILE A 285 -22.46 16.04 3.45
N ASN A 286 -21.77 14.91 3.28
CA ASN A 286 -20.91 14.75 2.11
C ASN A 286 -21.67 14.03 1.01
N MET A 287 -21.69 14.63 -0.18
CA MET A 287 -22.45 14.10 -1.30
C MET A 287 -21.86 12.80 -1.85
N TRP A 288 -22.70 11.78 -1.97
CA TRP A 288 -22.28 10.50 -2.53
C TRP A 288 -22.08 10.56 -4.04
N GLN A 289 -22.64 11.59 -4.67
CA GLN A 289 -22.53 11.75 -6.13
C GLN A 289 -21.08 11.92 -6.54
N GLY A 290 -20.32 12.61 -5.71
CA GLY A 290 -18.91 12.87 -6.00
C GLY A 290 -18.29 13.70 -4.90
N THR A 291 -17.49 14.70 -5.29
CA THR A 291 -16.87 15.58 -4.32
C THR A 291 -17.84 16.69 -3.88
N GLY A 292 -17.69 17.13 -2.63
CA GLY A 292 -18.40 18.29 -2.14
C GLY A 292 -19.30 18.03 -0.96
N GLN A 293 -19.41 19.03 -0.09
CA GLN A 293 -20.37 19.02 0.99
C GLN A 293 -21.63 19.74 0.56
N ALA A 294 -22.76 19.39 1.18
CA ALA A 294 -24.02 20.06 0.91
C ALA A 294 -24.72 20.40 2.22
N MET A 295 -25.33 21.58 2.28
CA MET A 295 -26.11 21.99 3.44
C MET A 295 -27.61 21.86 3.17
N TYR A 296 -28.34 21.31 4.13
CA TYR A 296 -29.81 21.22 4.04
C TYR A 296 -30.47 21.99 5.18
N ALA A 297 -31.71 22.43 4.95
CA ALA A 297 -32.45 23.21 5.95
C ALA A 297 -32.67 22.39 7.22
N PRO A 298 -32.68 23.06 8.39
CA PRO A 298 -32.94 22.45 9.71
C PRO A 298 -34.15 21.53 9.66
N PRO A 299 -34.12 20.43 10.44
CA PRO A 299 -35.10 19.34 10.37
C PRO A 299 -36.53 19.82 10.55
N ILE A 300 -37.47 19.19 9.83
CA ILE A 300 -38.88 19.52 9.99
C ILE A 300 -39.36 19.12 11.38
N ASP A 301 -40.47 19.70 11.82
CA ASP A 301 -40.98 19.40 13.14
C ASP A 301 -41.90 18.18 13.11
N GLY A 302 -42.18 17.63 14.28
CA GLY A 302 -43.08 16.50 14.37
C GLY A 302 -42.32 15.19 14.34
N LYS A 303 -42.98 14.12 14.76
CA LYS A 303 -42.31 12.83 14.83
C LYS A 303 -41.99 12.33 13.43
N ILE A 304 -40.74 11.94 13.25
CA ILE A 304 -40.27 11.39 11.99
C ILE A 304 -39.95 9.92 12.21
N ASN A 305 -40.52 9.06 11.38
CA ASN A 305 -40.35 7.63 11.55
C ASN A 305 -40.20 6.85 10.24
N CYS A 306 -39.15 6.04 10.17
CA CYS A 306 -38.94 5.18 9.01
C CYS A 306 -38.74 3.75 9.46
N VAL A 307 -39.59 2.86 8.97
CA VAL A 307 -39.44 1.44 9.20
C VAL A 307 -38.97 0.76 7.91
N SER A 308 -37.77 0.20 7.95
CA SER A 308 -37.17 -0.41 6.75
C SER A 308 -36.89 -1.88 6.97
N ASN A 309 -36.72 -2.60 5.86
CA ASN A 309 -36.30 -3.99 5.92
C ASN A 309 -34.82 -4.10 5.64
N ILE A 310 -34.07 -4.72 6.55
CA ILE A 310 -32.64 -4.94 6.31
C ILE A 310 -32.50 -6.20 5.48
N THR A 311 -32.01 -6.03 4.25
CA THR A 311 -31.94 -7.16 3.31
C THR A 311 -30.51 -7.58 3.03
N GLY A 312 -29.56 -6.67 3.20
CA GLY A 312 -28.17 -6.99 2.94
C GLY A 312 -27.18 -6.21 3.78
N ILE A 313 -25.96 -6.74 3.89
CA ILE A 313 -24.88 -6.07 4.62
C ILE A 313 -23.64 -5.89 3.74
N LEU A 314 -23.01 -4.72 3.83
CA LEU A 314 -21.76 -4.47 3.10
C LEU A 314 -20.56 -4.57 4.03
N LEU A 315 -19.66 -5.51 3.75
CA LEU A 315 -18.48 -5.75 4.60
C LEU A 315 -17.15 -5.45 3.90
N THR A 316 -16.14 -5.19 4.70
CA THR A 316 -14.78 -5.06 4.21
C THR A 316 -13.88 -5.84 5.13
N ARG A 317 -13.07 -6.71 4.55
CA ARG A 317 -12.23 -7.59 5.33
C ARG A 317 -10.87 -6.97 5.63
N ASP A 318 -10.42 -7.07 6.88
CA ASP A 318 -9.10 -6.58 7.26
C ASP A 318 -8.00 -7.29 6.50
N GLY A 319 -7.16 -6.50 5.81
CA GLY A 319 -6.05 -7.04 5.06
C GLY A 319 -4.82 -7.19 5.95
N GLY A 320 -3.78 -7.79 5.38
CA GLY A 320 -2.53 -8.00 6.08
C GLY A 320 -2.66 -9.04 7.16
N ALA A 321 -3.77 -9.78 7.15
CA ALA A 321 -4.06 -10.73 8.22
C ALA A 321 -3.18 -11.97 8.11
N ASN A 322 -1.87 -11.76 8.11
CA ASN A 322 -0.92 -12.86 8.12
C ASN A 322 -1.12 -13.69 9.37
N ASN A 323 -0.82 -14.99 9.26
CA ASN A 323 -1.00 -15.92 10.37
C ASN A 323 -2.42 -15.91 10.88
N THR A 324 -2.56 -15.95 12.20
CA THR A 324 -3.86 -15.91 12.88
C THR A 324 -4.79 -17.04 12.49
N SER A 325 -5.87 -17.16 13.26
CA SER A 325 -6.94 -18.06 12.91
C SER A 325 -8.20 -17.21 12.80
N ASN A 326 -7.97 -15.90 12.70
CA ASN A 326 -9.04 -14.92 12.64
C ASN A 326 -9.18 -14.24 11.28
N GLU A 327 -10.39 -13.82 10.96
CA GLU A 327 -10.62 -12.91 9.86
C GLU A 327 -11.58 -11.84 10.36
N THR A 328 -11.22 -10.57 10.17
CA THR A 328 -12.02 -9.49 10.70
C THR A 328 -12.78 -8.73 9.61
N PHE A 329 -14.06 -8.45 9.89
CA PHE A 329 -14.92 -7.76 8.95
C PHE A 329 -15.48 -6.50 9.57
N ARG A 330 -15.63 -5.46 8.76
CA ARG A 330 -16.15 -4.19 9.25
C ARG A 330 -17.18 -3.67 8.27
N PRO A 331 -18.26 -3.08 8.80
CA PRO A 331 -19.40 -2.60 8.00
C PRO A 331 -19.00 -1.51 7.00
N GLY A 332 -19.57 -1.59 5.80
CA GLY A 332 -19.33 -0.60 4.76
C GLY A 332 -17.94 -0.70 4.14
N GLY A 333 -17.85 -0.60 2.82
CA GLY A 333 -19.01 -0.37 1.98
C GLY A 333 -19.33 1.09 1.82
N GLY A 334 -18.93 1.68 0.69
CA GLY A 334 -19.15 3.09 0.46
C GLY A 334 -19.49 3.47 -0.97
N ASN A 335 -19.51 2.49 -1.86
CA ASN A 335 -19.80 2.74 -3.26
C ASN A 335 -21.24 2.35 -3.65
N ILE A 336 -22.08 3.35 -3.91
CA ILE A 336 -23.51 3.15 -4.15
C ILE A 336 -23.80 2.20 -5.33
N LYS A 337 -22.86 2.18 -6.27
CA LYS A 337 -22.97 1.28 -7.40
C LYS A 337 -23.13 -0.15 -6.91
N ASP A 338 -22.57 -0.45 -5.72
CA ASP A 338 -22.72 -1.77 -5.12
C ASP A 338 -24.13 -2.01 -4.58
N ASN A 339 -24.77 -0.94 -4.10
CA ASN A 339 -26.18 -1.01 -3.80
C ASN A 339 -26.94 -1.43 -5.04
N TRP A 340 -26.64 -0.80 -6.17
CA TRP A 340 -27.31 -1.20 -7.41
C TRP A 340 -26.97 -2.64 -7.85
N ARG A 341 -25.73 -3.06 -7.64
CA ARG A 341 -25.27 -4.38 -8.02
C ARG A 341 -25.97 -5.46 -7.21
N SER A 342 -26.29 -5.14 -5.95
CA SER A 342 -26.94 -6.10 -5.06
C SER A 342 -28.33 -6.46 -5.57
N GLU A 343 -28.88 -5.62 -6.44
CA GLU A 343 -30.20 -5.86 -7.03
C GLU A 343 -30.12 -6.34 -8.47
N LEU A 344 -29.18 -5.78 -9.23
CA LEU A 344 -29.03 -6.14 -10.63
C LEU A 344 -28.15 -7.37 -10.88
N TYR A 345 -27.67 -8.00 -9.81
CA TYR A 345 -26.75 -9.14 -9.95
C TYR A 345 -27.22 -10.25 -10.91
N LYS A 346 -28.53 -10.47 -10.99
CA LYS A 346 -29.07 -11.61 -11.73
C LYS A 346 -29.36 -11.33 -13.20
N TYR A 347 -29.14 -10.09 -13.63
CA TYR A 347 -29.44 -9.70 -14.99
C TYR A 347 -28.19 -9.39 -15.81
N LYS A 348 -28.31 -9.56 -17.13
CA LYS A 348 -27.30 -9.11 -18.08
C LYS A 348 -27.97 -8.84 -19.42
N VAL A 349 -27.53 -7.78 -20.10
CA VAL A 349 -28.09 -7.43 -21.39
C VAL A 349 -27.33 -8.12 -22.52
N VAL A 350 -28.07 -8.68 -23.48
CA VAL A 350 -27.45 -9.28 -24.65
C VAL A 350 -28.09 -8.76 -25.94
N GLN A 351 -27.28 -8.64 -26.98
CA GLN A 351 -27.75 -8.25 -28.31
C GLN A 351 -28.10 -9.49 -29.11
N ILE A 352 -29.08 -9.36 -30.00
CA ILE A 352 -29.51 -10.46 -30.86
C ILE A 352 -28.83 -10.40 -32.23
N GLU A 353 -28.50 -11.56 -32.78
CA GLU A 353 -27.83 -11.69 -34.07
C GLU A 353 -26.46 -11.03 -34.10
N PCA B 1 -0.10 13.27 -16.68
CA PCA B 1 0.28 11.91 -16.30
CB PCA B 1 1.70 11.60 -16.77
CG PCA B 1 2.36 12.93 -17.07
CD PCA B 1 1.17 13.86 -17.12
OE PCA B 1 1.28 15.01 -17.52
C PCA B 1 0.22 11.73 -14.79
O PCA B 1 0.29 12.70 -14.03
N VAL B 2 0.10 10.49 -14.34
CA VAL B 2 -0.01 10.19 -12.93
C VAL B 2 1.27 10.49 -12.18
N ARG B 3 1.19 11.39 -11.20
CA ARG B 3 2.36 11.77 -10.39
C ARG B 3 2.03 11.75 -8.90
N LEU B 4 2.74 10.92 -8.15
CA LEU B 4 2.57 10.87 -6.71
C LEU B 4 3.65 11.70 -6.02
N SER B 5 3.35 12.96 -5.71
CA SER B 5 4.29 13.83 -5.02
C SER B 5 4.29 13.55 -3.52
N GLN B 6 5.42 13.05 -3.02
CA GLN B 6 5.55 12.73 -1.60
C GLN B 6 6.27 13.84 -0.84
N SER B 7 5.99 13.92 0.46
CA SER B 7 6.71 14.82 1.33
C SER B 7 8.01 14.14 1.73
N GLY B 8 9.03 14.94 2.03
CA GLY B 8 10.36 14.44 2.31
C GLY B 8 10.49 13.49 3.50
N GLY B 9 11.66 12.90 3.64
CA GLY B 9 11.93 12.01 4.75
C GLY B 9 12.12 12.78 6.03
N GLN B 10 12.26 12.06 7.14
CA GLN B 10 12.48 12.74 8.42
C GLN B 10 13.20 11.88 9.47
N MET B 11 13.67 12.57 10.51
CA MET B 11 14.44 11.94 11.57
C MET B 11 13.57 11.88 12.81
N LYS B 12 13.46 10.71 13.41
CA LYS B 12 12.59 10.56 14.58
C LYS B 12 13.24 9.83 15.75
N LYS B 13 12.76 10.10 16.95
CA LYS B 13 13.19 9.36 18.14
C LYS B 13 12.10 8.38 18.57
N PRO B 14 12.48 7.29 19.27
CA PRO B 14 11.48 6.31 19.70
C PRO B 14 10.43 6.92 20.62
N GLY B 15 9.15 6.64 20.34
CA GLY B 15 8.07 7.18 21.14
C GLY B 15 7.35 8.34 20.47
N GLU B 16 8.04 9.02 19.55
CA GLU B 16 7.42 10.10 18.79
C GLU B 16 6.53 9.50 17.71
N SER B 17 5.83 10.36 16.98
CA SER B 17 5.04 9.93 15.84
C SER B 17 5.43 10.72 14.60
N MET B 18 5.08 10.23 13.43
CA MET B 18 5.46 10.90 12.21
C MET B 18 4.25 11.14 11.30
N ARG B 19 4.36 12.14 10.45
CA ARG B 19 3.30 12.44 9.48
C ARG B 19 3.87 12.61 8.07
N LEU B 20 3.22 11.95 7.12
CA LEU B 20 3.65 11.98 5.73
C LEU B 20 2.48 12.33 4.81
N SER B 21 2.71 13.21 3.86
CA SER B 21 1.69 13.51 2.87
C SER B 21 2.13 13.04 1.50
N CYS B 22 1.15 12.76 0.65
CA CYS B 22 1.39 12.35 -0.72
C CYS B 22 0.37 13.00 -1.63
N ARG B 23 0.82 13.89 -2.51
CA ARG B 23 -0.08 14.61 -3.40
C ARG B 23 -0.29 13.83 -4.70
N ALA B 24 -1.54 13.49 -5.00
CA ALA B 24 -1.86 12.84 -6.26
C ALA B 24 -2.22 13.86 -7.33
N SER B 25 -1.95 13.52 -8.58
CA SER B 25 -2.27 14.40 -9.70
C SER B 25 -2.23 13.62 -11.02
N GLY B 26 -2.94 14.13 -12.02
CA GLY B 26 -2.94 13.52 -13.34
C GLY B 26 -4.01 12.47 -13.54
N TYR B 27 -4.88 12.32 -12.56
CA TYR B 27 -5.99 11.37 -12.66
C TYR B 27 -7.04 11.70 -11.63
N GLU B 28 -8.26 11.23 -11.87
CA GLU B 28 -9.36 11.45 -10.94
C GLU B 28 -9.09 10.72 -9.62
N PHE B 29 -8.90 11.50 -8.57
CA PHE B 29 -8.42 11.00 -7.28
C PHE B 29 -9.38 10.01 -6.61
N LEU B 30 -10.66 10.04 -6.99
CA LEU B 30 -11.63 9.17 -6.34
C LEU B 30 -11.75 7.77 -6.95
N ASN B 31 -11.06 7.54 -8.07
CA ASN B 31 -11.30 6.33 -8.85
C ASN B 31 -10.76 5.04 -8.25
N CYS B 32 -9.72 5.17 -7.43
CA CYS B 32 -8.99 3.98 -6.96
C CYS B 32 -8.27 4.25 -5.67
N PRO B 33 -8.02 3.19 -4.88
CA PRO B 33 -7.36 3.31 -3.58
C PRO B 33 -5.94 3.87 -3.70
N ILE B 34 -5.50 4.47 -2.61
CA ILE B 34 -4.13 4.89 -2.44
C ILE B 34 -3.56 4.00 -1.35
N ASN B 35 -2.42 3.38 -1.62
CA ASN B 35 -1.77 2.50 -0.65
C ASN B 35 -0.53 3.13 -0.03
N TRP B 36 -0.19 2.69 1.18
CA TRP B 36 1.07 3.07 1.81
C TRP B 36 1.91 1.83 2.09
N ILE B 37 3.16 1.83 1.59
CA ILE B 37 4.06 0.70 1.75
C ILE B 37 5.43 1.14 2.26
N ARG B 38 5.95 0.44 3.27
CA ARG B 38 7.28 0.74 3.80
C ARG B 38 8.29 -0.32 3.35
N LEU B 39 9.51 0.12 3.04
CA LEU B 39 10.59 -0.79 2.69
C LEU B 39 11.82 -0.55 3.56
N ALA B 40 12.11 -1.52 4.43
CA ALA B 40 13.32 -1.48 5.24
C ALA B 40 14.40 -2.31 4.57
N PRO B 41 15.61 -1.75 4.46
CA PRO B 41 16.73 -2.43 3.80
C PRO B 41 16.94 -3.82 4.39
N GLY B 42 16.94 -4.83 3.52
CA GLY B 42 17.12 -6.20 3.94
C GLY B 42 15.94 -6.75 4.70
N ARG B 43 14.74 -6.43 4.22
CA ARG B 43 13.54 -6.89 4.90
C ARG B 43 12.35 -6.93 3.94
N ARG B 44 11.44 -7.87 4.18
CA ARG B 44 10.25 -8.05 3.36
C ARG B 44 9.40 -6.79 3.36
N PRO B 45 9.04 -6.29 2.16
CA PRO B 45 8.22 -5.08 2.00
C PRO B 45 6.89 -5.23 2.73
N GLU B 46 6.40 -4.14 3.33
CA GLU B 46 5.23 -4.20 4.19
C GLU B 46 4.14 -3.24 3.75
N TRP B 47 3.06 -3.79 3.22
CA TRP B 47 1.86 -3.00 2.91
C TRP B 47 1.22 -2.57 4.24
N MET B 48 0.95 -1.28 4.37
CA MET B 48 0.43 -0.73 5.61
C MET B 48 -1.08 -0.60 5.57
N GLY B 49 -1.60 -0.04 4.49
CA GLY B 49 -3.03 0.03 4.31
C GLY B 49 -3.42 0.82 3.08
N TRP B 50 -4.70 0.73 2.70
CA TRP B 50 -5.19 1.61 1.65
C TRP B 50 -6.28 2.54 2.13
N LEU B 51 -6.50 3.60 1.35
CA LEU B 51 -7.54 4.58 1.61
C LEU B 51 -8.28 4.86 0.31
N LYS B 52 -9.60 4.69 0.33
CA LYS B 52 -10.42 5.06 -0.80
C LYS B 52 -10.92 6.48 -0.62
N PRO B 53 -10.34 7.44 -1.36
CA PRO B 53 -10.54 8.88 -1.19
C PRO B 53 -11.99 9.38 -1.20
N ARG B 54 -12.94 8.58 -1.68
CA ARG B 54 -14.32 9.06 -1.78
C ARG B 54 -14.91 9.38 -0.41
N TRP B 55 -14.90 8.39 0.48
CA TRP B 55 -15.43 8.59 1.83
C TRP B 55 -14.29 8.57 2.85
N GLY B 56 -13.10 8.24 2.39
CA GLY B 56 -11.97 8.08 3.28
C GLY B 56 -11.98 6.74 3.99
N ALA B 57 -12.68 5.76 3.41
CA ALA B 57 -12.66 4.40 3.92
C ALA B 57 -11.24 3.86 3.88
N VAL B 58 -10.87 3.11 4.90
CA VAL B 58 -9.52 2.60 5.03
C VAL B 58 -9.51 1.11 5.33
N ASN B 59 -8.38 0.48 5.06
CA ASN B 59 -8.15 -0.89 5.49
C ASN B 59 -6.71 -0.97 5.97
N TYR B 60 -6.51 -1.14 7.27
CA TYR B 60 -5.15 -1.15 7.84
C TYR B 60 -4.65 -2.57 8.08
N ALA B 61 -3.40 -2.84 7.78
CA ALA B 61 -2.83 -4.15 8.04
C ALA B 61 -2.91 -4.44 9.54
N ARG B 62 -3.20 -5.70 9.89
CA ARG B 62 -3.32 -6.13 11.28
C ARG B 62 -2.20 -5.56 12.15
N LYS B 63 -0.98 -5.58 11.62
CA LYS B 63 0.22 -5.15 12.34
C LYS B 63 0.18 -3.71 12.83
N PHE B 64 -0.65 -2.87 12.20
CA PHE B 64 -0.58 -1.43 12.43
C PHE B 64 -1.84 -0.85 13.05
N GLN B 65 -2.88 -1.65 13.13
CA GLN B 65 -4.14 -1.18 13.70
C GLN B 65 -3.94 -0.63 15.11
N GLY B 66 -4.45 0.59 15.33
CA GLY B 66 -4.24 1.31 16.56
C GLY B 66 -3.17 2.38 16.45
N ARG B 67 -2.11 2.10 15.70
CA ARG B 67 -0.95 2.99 15.62
C ARG B 67 -1.01 3.90 14.40
N VAL B 68 -1.68 3.45 13.35
CA VAL B 68 -1.67 4.13 12.06
C VAL B 68 -2.99 4.85 11.77
N THR B 69 -2.92 5.97 11.05
CA THR B 69 -4.10 6.71 10.65
C THR B 69 -3.94 7.22 9.23
N MET B 70 -4.93 6.96 8.38
CA MET B 70 -4.89 7.41 7.00
C MET B 70 -6.06 8.31 6.66
N THR B 71 -5.76 9.55 6.30
CA THR B 71 -6.79 10.49 5.89
C THR B 71 -6.45 11.10 4.54
N ARG B 72 -7.34 11.95 4.05
CA ARG B 72 -7.12 12.60 2.76
C ARG B 72 -7.84 13.92 2.64
N ASP B 73 -7.36 14.75 1.73
CA ASP B 73 -8.02 16.01 1.39
C ASP B 73 -8.47 15.93 -0.07
N VAL B 74 -9.74 15.63 -0.28
CA VAL B 74 -10.30 15.50 -1.64
C VAL B 74 -10.18 16.79 -2.46
N TYR B 75 -10.26 17.93 -1.79
CA TYR B 75 -10.21 19.23 -2.46
C TYR B 75 -8.83 19.57 -3.01
N SER B 76 -7.82 18.76 -2.65
CA SER B 76 -6.47 18.98 -3.15
C SER B 76 -5.74 17.68 -3.43
N ASP B 77 -6.48 16.59 -3.57
CA ASP B 77 -5.94 15.29 -3.97
C ASP B 77 -4.76 14.78 -3.14
N THR B 78 -4.67 15.23 -1.89
CA THR B 78 -3.56 14.84 -1.03
C THR B 78 -3.96 13.72 -0.06
N ALA B 79 -3.07 12.75 0.11
CA ALA B 79 -3.27 11.66 1.07
C ALA B 79 -2.37 11.84 2.28
N PHE B 80 -2.83 11.42 3.45
CA PHE B 80 -2.04 11.61 4.67
C PHE B 80 -1.87 10.32 5.47
N LEU B 81 -0.68 10.13 6.03
CA LEU B 81 -0.40 8.98 6.86
C LEU B 81 0.25 9.46 8.13
N GLU B 82 -0.25 8.98 9.27
CA GLU B 82 0.42 9.23 10.54
C GLU B 82 0.74 7.89 11.17
N LEU B 83 1.96 7.76 11.69
CA LEU B 83 2.35 6.54 12.38
C LEU B 83 2.81 6.90 13.78
N ARG B 84 2.15 6.34 14.78
CA ARG B 84 2.40 6.69 16.17
C ARG B 84 3.23 5.64 16.90
N SER B 85 3.74 6.02 18.07
CA SER B 85 4.53 5.13 18.90
C SER B 85 5.69 4.49 18.16
N LEU B 86 6.55 5.32 17.55
CA LEU B 86 7.65 4.82 16.74
C LEU B 86 8.71 4.06 17.54
N THR B 87 9.20 2.97 16.97
CA THR B 87 10.40 2.30 17.46
C THR B 87 11.38 2.17 16.30
N SER B 88 12.49 1.49 16.55
CA SER B 88 13.52 1.33 15.52
C SER B 88 13.10 0.39 14.40
N ASP B 89 11.98 -0.30 14.58
CA ASP B 89 11.45 -1.19 13.56
CA ASP B 89 11.45 -1.19 13.56
C ASP B 89 10.74 -0.38 12.49
N ASP B 90 10.39 0.85 12.84
CA ASP B 90 9.67 1.72 11.93
C ASP B 90 10.61 2.48 11.01
N THR B 91 11.91 2.25 11.17
CA THR B 91 12.92 2.77 10.27
C THR B 91 12.83 2.09 8.91
N ALA B 92 12.37 2.82 7.92
CA ALA B 92 12.23 2.29 6.57
C ALA B 92 12.00 3.43 5.60
N VAL B 93 11.90 3.10 4.32
CA VAL B 93 11.51 4.09 3.32
C VAL B 93 10.04 3.91 2.98
N TYR B 94 9.23 4.90 3.36
CA TYR B 94 7.79 4.85 3.20
C TYR B 94 7.33 5.43 1.85
N PHE B 95 6.59 4.62 1.09
CA PHE B 95 6.09 5.02 -0.23
C PHE B 95 4.58 5.10 -0.25
N CYS B 96 4.03 5.92 -1.13
CA CYS B 96 2.60 5.80 -1.45
C CYS B 96 2.50 5.24 -2.85
N THR B 97 1.54 4.35 -3.06
CA THR B 97 1.42 3.69 -4.35
C THR B 97 -0.02 3.71 -4.87
N ARG B 98 -0.15 3.50 -6.17
CA ARG B 98 -1.44 3.43 -6.83
C ARG B 98 -1.33 2.40 -7.95
N GLY B 99 -2.31 1.50 -8.04
CA GLY B 99 -2.31 0.51 -9.09
C GLY B 99 -2.34 1.05 -10.52
N LYS B 100 -2.24 0.15 -11.49
CA LYS B 100 -2.24 0.53 -12.88
C LYS B 100 -3.65 0.71 -13.44
N TYR B 101 -4.48 -0.31 -13.23
CA TYR B 101 -5.89 -0.26 -13.67
C TYR B 101 -6.69 0.68 -12.77
N CYS B 102 -7.05 1.84 -13.34
CA CYS B 102 -7.77 2.85 -12.58
C CYS B 102 -8.72 3.61 -13.52
N THR B 103 -9.97 3.17 -13.58
CA THR B 103 -11.00 3.84 -14.37
C THR B 103 -12.21 4.11 -13.50
N ALA B 104 -13.13 4.93 -13.99
CA ALA B 104 -14.32 5.30 -13.22
C ALA B 104 -15.27 4.12 -13.07
N ARG B 105 -15.04 3.08 -13.85
CA ARG B 105 -15.90 1.90 -13.87
C ARG B 105 -15.32 0.76 -13.02
N ASP B 106 -14.00 0.70 -12.93
CA ASP B 106 -13.34 -0.38 -12.19
C ASP B 106 -11.88 -0.06 -11.89
N TYR B 107 -11.28 -0.83 -10.98
CA TYR B 107 -9.86 -0.69 -10.65
C TYR B 107 -9.24 -2.03 -10.21
N TYR B 108 -7.92 -2.13 -10.32
CA TYR B 108 -7.20 -3.19 -9.63
C TYR B 108 -6.09 -2.57 -8.81
N ASN B 109 -6.21 -2.71 -7.49
CA ASN B 109 -5.35 -2.02 -6.56
C ASN B 109 -3.89 -2.45 -6.59
N TRP B 110 -3.65 -3.75 -6.74
CA TRP B 110 -2.39 -4.37 -6.34
C TRP B 110 -1.27 -4.50 -7.38
N ASP B 111 -1.47 -3.94 -8.56
CA ASP B 111 -0.37 -3.88 -9.53
C ASP B 111 0.26 -2.49 -9.51
N PHE B 112 0.99 -2.21 -8.44
CA PHE B 112 1.54 -0.88 -8.17
C PHE B 112 2.46 -0.36 -9.30
N GLU B 113 1.87 0.38 -10.23
CA GLU B 113 2.64 0.99 -11.31
C GLU B 113 3.24 2.32 -10.87
N HIS B 114 2.50 3.05 -10.06
CA HIS B 114 2.91 4.40 -9.65
C HIS B 114 3.36 4.48 -8.21
N TRP B 115 4.57 5.00 -8.00
CA TRP B 115 5.15 5.11 -6.69
C TRP B 115 5.59 6.55 -6.45
N GLY B 116 5.67 6.94 -5.18
CA GLY B 116 6.23 8.23 -4.83
C GLY B 116 7.74 8.06 -4.76
N ARG B 117 8.45 9.18 -4.72
CA ARG B 117 9.92 9.13 -4.64
C ARG B 117 10.41 8.41 -3.40
N GLY B 118 9.56 8.35 -2.37
CA GLY B 118 9.95 7.75 -1.11
C GLY B 118 10.12 8.79 -0.03
N ALA B 119 10.14 8.33 1.22
CA ALA B 119 10.44 9.19 2.34
C ALA B 119 11.19 8.37 3.37
N PRO B 120 12.53 8.53 3.40
CA PRO B 120 13.31 7.76 4.35
C PRO B 120 12.99 8.24 5.77
N VAL B 121 12.52 7.32 6.60
CA VAL B 121 12.26 7.64 7.99
C VAL B 121 13.18 6.80 8.86
N THR B 122 14.00 7.47 9.66
CA THR B 122 14.89 6.74 10.57
C THR B 122 14.49 7.05 12.01
N VAL B 123 14.36 5.99 12.80
CA VAL B 123 13.98 6.14 14.19
C VAL B 123 15.09 5.63 15.08
N SER B 124 15.73 6.54 15.78
CA SER B 124 16.85 6.21 16.62
C SER B 124 16.89 7.14 17.82
N SER B 125 17.38 6.63 18.94
CA SER B 125 17.52 7.46 20.14
C SER B 125 18.80 8.29 20.09
N ALA B 126 19.57 8.16 19.00
CA ALA B 126 20.75 8.98 18.79
C ALA B 126 20.37 10.41 18.37
N SER B 127 21.07 11.39 18.94
CA SER B 127 20.87 12.78 18.55
C SER B 127 21.86 13.15 17.45
N THR B 128 21.57 14.24 16.74
CA THR B 128 22.46 14.71 15.70
C THR B 128 23.82 15.06 16.28
N LYS B 129 24.87 14.71 15.55
CA LYS B 129 26.23 14.90 16.06
C LYS B 129 27.21 15.08 14.91
N GLY B 130 28.02 16.13 14.97
CA GLY B 130 29.10 16.32 14.02
C GLY B 130 30.17 15.25 14.15
N PRO B 131 30.85 14.92 13.03
CA PRO B 131 31.88 13.88 13.02
C PRO B 131 33.25 14.38 13.47
N SER B 132 34.03 13.48 14.07
CA SER B 132 35.44 13.75 14.30
C SER B 132 36.22 13.16 13.14
N VAL B 133 37.06 13.98 12.51
CA VAL B 133 37.85 13.54 11.37
C VAL B 133 39.30 13.26 11.74
N PHE B 134 39.69 11.99 11.76
CA PHE B 134 41.05 11.59 12.12
C PHE B 134 41.87 11.20 10.90
N PRO B 135 43.16 11.59 10.87
CA PRO B 135 44.03 11.30 9.73
C PRO B 135 44.41 9.83 9.67
N LEU B 136 44.64 9.33 8.46
CA LEU B 136 45.24 8.03 8.27
C LEU B 136 46.55 8.30 7.53
N ALA B 137 47.57 8.70 8.29
CA ALA B 137 48.83 9.12 7.71
C ALA B 137 49.55 7.96 7.04
N PRO B 138 50.23 8.23 5.92
CA PRO B 138 51.03 7.22 5.23
C PRO B 138 52.39 7.02 5.90
N SER B 139 53.11 6.00 5.49
CA SER B 139 54.45 5.73 6.00
C SER B 139 55.43 5.44 4.87
N SER B 140 56.47 4.67 5.16
CA SER B 140 57.44 4.26 4.16
C SER B 140 58.06 2.90 4.49
N GLY B 145 52.95 -0.41 -5.90
CA GLY B 145 54.40 -0.52 -5.86
C GLY B 145 55.04 0.71 -5.22
N GLY B 146 55.35 1.69 -6.05
CA GLY B 146 55.91 2.95 -5.58
C GLY B 146 54.84 3.96 -5.24
N THR B 147 53.75 3.48 -4.66
CA THR B 147 52.63 4.34 -4.29
C THR B 147 52.28 4.21 -2.82
N ALA B 148 51.92 5.33 -2.20
CA ALA B 148 51.50 5.34 -0.81
C ALA B 148 50.02 5.71 -0.68
N ALA B 149 49.36 5.13 0.33
CA ALA B 149 47.95 5.37 0.53
C ALA B 149 47.72 6.19 1.78
N LEU B 150 46.93 7.25 1.68
CA LEU B 150 46.57 8.03 2.86
C LEU B 150 45.08 8.30 2.88
N GLY B 151 44.55 8.74 4.01
CA GLY B 151 43.12 8.99 4.07
C GLY B 151 42.56 9.63 5.32
N CYS B 152 41.24 9.80 5.32
CA CYS B 152 40.50 10.36 6.44
C CYS B 152 39.66 9.26 7.08
N LEU B 153 39.65 9.24 8.40
CA LEU B 153 38.69 8.42 9.12
C LEU B 153 37.66 9.35 9.72
N VAL B 154 36.43 9.23 9.27
CA VAL B 154 35.33 10.09 9.73
C VAL B 154 34.46 9.31 10.72
N LYS B 155 34.70 9.54 12.01
CA LYS B 155 34.07 8.75 13.06
C LYS B 155 32.99 9.47 13.85
N ASP B 156 32.00 8.69 14.31
CA ASP B 156 31.00 9.16 15.28
C ASP B 156 30.15 10.34 14.83
N TYR B 157 29.34 10.13 13.80
CA TYR B 157 28.43 11.17 13.35
C TYR B 157 27.02 10.63 13.14
N PHE B 158 26.03 11.47 13.40
CA PHE B 158 24.65 11.11 13.15
C PHE B 158 23.88 12.35 12.71
N PRO B 159 22.98 12.19 11.72
CA PRO B 159 22.80 10.95 10.96
C PRO B 159 23.53 11.04 9.62
N GLU B 160 23.23 10.10 8.73
CA GLU B 160 23.67 10.18 7.35
C GLU B 160 23.00 11.38 6.69
N PRO B 161 23.56 11.90 5.59
CA PRO B 161 24.82 11.47 4.99
C PRO B 161 25.94 12.49 5.23
N VAL B 162 27.18 12.03 5.02
CA VAL B 162 28.33 12.91 5.04
C VAL B 162 29.02 12.85 3.68
N THR B 163 29.64 13.95 3.27
CA THR B 163 30.32 13.98 1.97
C THR B 163 31.81 14.27 2.12
N VAL B 164 32.63 13.58 1.33
CA VAL B 164 34.08 13.72 1.40
C VAL B 164 34.70 14.01 0.05
N SER B 165 35.47 15.10 -0.04
CA SER B 165 36.25 15.39 -1.24
C SER B 165 37.73 15.53 -0.87
N TRP B 166 38.60 15.52 -1.87
CA TRP B 166 40.04 15.65 -1.63
C TRP B 166 40.63 16.85 -2.35
N ASN B 167 41.38 17.66 -1.61
CA ASN B 167 41.98 18.90 -2.12
C ASN B 167 40.96 19.77 -2.83
N SER B 168 39.81 19.96 -2.19
CA SER B 168 38.71 20.76 -2.74
C SER B 168 38.21 20.25 -4.09
N GLY B 169 38.35 18.95 -4.33
CA GLY B 169 37.85 18.33 -5.54
C GLY B 169 38.87 18.27 -6.67
N ALA B 170 40.06 18.82 -6.45
CA ALA B 170 41.10 18.83 -7.46
C ALA B 170 41.83 17.50 -7.52
N LEU B 171 41.49 16.60 -6.60
CA LEU B 171 42.09 15.27 -6.55
C LEU B 171 41.02 14.20 -6.55
N THR B 172 40.75 13.63 -7.72
CA THR B 172 39.70 12.63 -7.84
C THR B 172 40.26 11.27 -8.27
N SER B 173 41.51 11.24 -8.69
CA SER B 173 42.14 10.02 -9.16
C SER B 173 42.66 9.13 -8.03
N GLY B 174 42.20 7.89 -8.00
CA GLY B 174 42.64 6.93 -7.00
C GLY B 174 41.96 7.13 -5.67
N VAL B 175 40.80 7.79 -5.69
CA VAL B 175 40.03 8.05 -4.47
C VAL B 175 38.96 6.99 -4.25
N HIS B 176 38.94 6.42 -3.05
CA HIS B 176 37.90 5.48 -2.67
C HIS B 176 37.26 5.88 -1.35
N THR B 177 36.02 6.36 -1.42
CA THR B 177 35.24 6.63 -0.21
C THR B 177 34.30 5.47 0.05
N PHE B 178 34.36 4.94 1.26
CA PHE B 178 33.64 3.71 1.56
C PHE B 178 32.24 3.95 2.10
N PRO B 179 31.34 2.97 1.90
CA PRO B 179 30.01 3.03 2.51
C PRO B 179 30.14 3.12 4.01
N ALA B 180 29.49 4.10 4.62
CA ALA B 180 29.53 4.26 6.07
C ALA B 180 28.97 3.02 6.77
N VAL B 181 29.41 2.81 8.01
CA VAL B 181 28.93 1.66 8.78
C VAL B 181 28.32 2.12 10.09
N LEU B 182 27.30 1.39 10.55
CA LEU B 182 26.61 1.74 11.78
C LEU B 182 27.22 1.01 12.98
N GLN B 183 27.84 1.77 13.87
CA GLN B 183 28.47 1.20 15.05
C GLN B 183 27.40 0.86 16.10
N SER B 184 27.76 0.06 17.10
CA SER B 184 26.80 -0.37 18.11
C SER B 184 26.38 0.79 18.99
N SER B 185 27.16 1.88 18.95
CA SER B 185 26.83 3.10 19.66
C SER B 185 25.62 3.80 19.03
N GLY B 186 25.35 3.49 17.76
CA GLY B 186 24.28 4.13 17.03
C GLY B 186 24.80 5.19 16.08
N LEU B 187 26.04 5.60 16.27
CA LEU B 187 26.66 6.59 15.40
C LEU B 187 27.25 5.94 14.15
N TYR B 188 27.48 6.75 13.14
CA TYR B 188 28.04 6.26 11.89
C TYR B 188 29.53 6.57 11.77
N SER B 189 30.18 5.92 10.83
CA SER B 189 31.61 6.11 10.62
C SER B 189 32.03 5.58 9.26
N LEU B 190 32.80 6.36 8.51
CA LEU B 190 33.35 5.88 7.25
C LEU B 190 34.79 6.31 7.07
N SER B 191 35.49 5.59 6.18
CA SER B 191 36.85 5.93 5.83
C SER B 191 36.88 6.37 4.38
N SER B 192 37.78 7.28 4.06
CA SER B 192 38.02 7.68 2.69
C SER B 192 39.51 7.67 2.38
N VAL B 193 39.94 6.77 1.51
CA VAL B 193 41.36 6.64 1.19
C VAL B 193 41.68 7.13 -0.22
N VAL B 194 42.97 7.33 -0.47
CA VAL B 194 43.46 7.76 -1.79
C VAL B 194 44.91 7.31 -1.94
N THR B 195 45.24 6.82 -3.14
CA THR B 195 46.60 6.43 -3.45
C THR B 195 47.31 7.53 -4.24
N VAL B 196 48.57 7.76 -3.90
CA VAL B 196 49.38 8.82 -4.48
C VAL B 196 50.79 8.31 -4.73
N PRO B 197 51.58 9.00 -5.56
CA PRO B 197 52.98 8.60 -5.73
C PRO B 197 53.77 8.79 -4.43
N SER B 198 54.80 7.98 -4.22
CA SER B 198 55.64 8.11 -3.02
C SER B 198 56.49 9.37 -3.12
N SER B 199 56.70 9.85 -4.35
CA SER B 199 57.52 11.01 -4.61
C SER B 199 56.69 12.28 -4.55
N SER B 200 55.84 12.39 -3.54
CA SER B 200 54.97 13.56 -3.40
C SER B 200 54.55 13.81 -1.96
N LEU B 201 54.91 12.89 -1.06
CA LEU B 201 54.55 13.00 0.34
C LEU B 201 55.16 14.23 1.02
N GLY B 202 56.22 14.79 0.42
CA GLY B 202 56.88 15.96 0.96
C GLY B 202 56.63 17.21 0.14
N THR B 203 55.96 17.05 -0.99
CA THR B 203 55.73 18.17 -1.90
C THR B 203 54.26 18.59 -1.93
N GLN B 204 53.42 17.77 -2.57
CA GLN B 204 51.99 18.04 -2.68
C GLN B 204 51.29 17.92 -1.33
N THR B 205 50.45 18.90 -1.02
CA THR B 205 49.69 18.87 0.22
C THR B 205 48.32 18.20 0.02
N TYR B 206 47.94 17.34 0.96
CA TYR B 206 46.70 16.59 0.85
C TYR B 206 45.72 16.95 1.97
N ILE B 207 44.56 17.46 1.57
CA ILE B 207 43.54 17.88 2.52
C ILE B 207 42.24 17.13 2.25
N CYS B 208 41.61 16.65 3.32
CA CYS B 208 40.36 15.91 3.24
C CYS B 208 39.21 16.83 3.65
N ASN B 209 38.38 17.21 2.68
CA ASN B 209 37.24 18.08 2.93
C ASN B 209 35.99 17.28 3.27
N VAL B 210 35.66 17.24 4.55
CA VAL B 210 34.49 16.52 5.04
C VAL B 210 33.38 17.51 5.37
N ASN B 211 32.21 17.29 4.80
CA ASN B 211 31.06 18.15 5.07
C ASN B 211 29.86 17.33 5.54
N HIS B 212 29.33 17.69 6.70
CA HIS B 212 28.18 16.99 7.28
C HIS B 212 27.04 17.98 7.49
N LYS B 213 26.24 18.17 6.45
CA LYS B 213 25.17 19.18 6.44
C LYS B 213 24.17 19.21 7.62
N PRO B 214 23.67 18.04 8.08
CA PRO B 214 22.73 18.05 9.21
C PRO B 214 23.24 18.80 10.45
N SER B 215 24.47 18.52 10.88
CA SER B 215 25.04 19.22 12.03
C SER B 215 25.73 20.51 11.60
N ASN B 216 25.77 20.74 10.29
CA ASN B 216 26.40 21.93 9.71
C ASN B 216 27.88 22.09 10.11
N THR B 217 28.65 21.01 9.97
CA THR B 217 30.06 21.05 10.31
C THR B 217 30.94 20.74 9.11
N LYS B 218 31.90 21.62 8.83
CA LYS B 218 32.85 21.40 7.75
C LYS B 218 34.27 21.29 8.30
N VAL B 219 35.00 20.28 7.85
CA VAL B 219 36.38 20.07 8.30
C VAL B 219 37.33 19.96 7.10
N ASP B 220 38.42 20.71 7.14
CA ASP B 220 39.49 20.57 6.14
C ASP B 220 40.70 19.90 6.78
N LYS B 221 40.66 18.58 6.88
CA LYS B 221 41.68 17.85 7.64
C LYS B 221 42.92 17.53 6.79
N ARG B 222 44.05 18.15 7.11
CA ARG B 222 45.28 17.90 6.37
C ARG B 222 45.99 16.62 6.79
N VAL B 223 46.11 15.68 5.86
CA VAL B 223 46.80 14.42 6.13
C VAL B 223 48.27 14.49 5.73
N GLU B 224 49.15 14.34 6.71
CA GLU B 224 50.58 14.40 6.45
C GLU B 224 51.29 13.25 7.15
N PRO B 225 52.43 12.80 6.60
CA PRO B 225 53.21 11.70 7.20
C PRO B 225 53.67 12.01 8.62
N LYS B 226 53.52 11.04 9.51
CA LYS B 226 53.88 11.20 10.91
C LYS B 226 55.39 11.35 11.11
N VAL C 3 3.12 -18.71 2.85
CA VAL C 3 2.54 -17.74 1.92
C VAL C 3 3.47 -17.58 0.71
N LEU C 4 4.38 -16.61 0.75
CA LEU C 4 5.29 -16.39 -0.37
C LEU C 4 6.76 -16.63 -0.02
N THR C 5 7.32 -17.70 -0.59
CA THR C 5 8.73 -18.00 -0.39
C THR C 5 9.53 -17.68 -1.65
N GLN C 6 10.45 -16.73 -1.58
CA GLN C 6 11.17 -16.29 -2.77
C GLN C 6 12.61 -16.79 -2.69
N SER C 7 13.12 -17.31 -3.80
CA SER C 7 14.51 -17.77 -3.81
C SER C 7 15.16 -17.59 -5.18
N PRO C 8 16.50 -17.53 -5.24
CA PRO C 8 17.43 -17.55 -4.10
C PRO C 8 17.57 -16.17 -3.48
N ALA C 9 18.19 -16.10 -2.30
CA ALA C 9 18.44 -14.84 -1.62
C ALA C 9 19.27 -13.87 -2.47
N THR C 10 20.39 -14.36 -3.00
CA THR C 10 21.25 -13.51 -3.80
C THR C 10 21.65 -14.18 -5.12
N LEU C 11 22.11 -13.35 -6.05
CA LEU C 11 22.40 -13.80 -7.40
C LEU C 11 23.48 -12.89 -7.97
N SER C 12 24.69 -13.40 -8.09
CA SER C 12 25.80 -12.62 -8.63
C SER C 12 26.03 -13.00 -10.09
N LEU C 13 25.76 -12.11 -11.04
CA LEU C 13 25.92 -12.51 -12.44
C LEU C 13 26.60 -11.45 -13.30
N SER C 14 27.20 -11.91 -14.40
CA SER C 14 27.88 -11.04 -15.36
C SER C 14 26.91 -10.58 -16.44
N PRO C 15 27.20 -9.43 -17.06
CA PRO C 15 26.42 -8.98 -18.21
C PRO C 15 26.39 -10.03 -19.31
N GLY C 16 25.21 -10.28 -19.86
CA GLY C 16 25.04 -11.27 -20.89
C GLY C 16 24.33 -12.52 -20.42
N GLU C 17 24.56 -12.90 -19.17
CA GLU C 17 23.93 -14.11 -18.64
C GLU C 17 22.44 -13.92 -18.43
N THR C 18 21.75 -14.98 -18.00
CA THR C 18 20.32 -14.88 -17.72
C THR C 18 20.06 -15.16 -16.25
N ALA C 19 19.26 -14.32 -15.62
CA ALA C 19 18.90 -14.51 -14.22
C ALA C 19 17.52 -15.16 -14.10
N ILE C 20 17.43 -16.21 -13.29
CA ILE C 20 16.15 -16.86 -13.02
C ILE C 20 15.77 -16.79 -11.54
N ILE C 21 14.87 -15.87 -11.21
CA ILE C 21 14.36 -15.74 -9.86
C ILE C 21 13.03 -16.49 -9.68
N SER C 22 12.86 -17.15 -8.54
CA SER C 22 11.68 -17.99 -8.30
C SER C 22 10.87 -17.52 -7.10
N CYS C 23 9.57 -17.80 -7.14
CA CYS C 23 8.64 -17.42 -6.08
C CYS C 23 7.60 -18.53 -5.93
N ARG C 24 7.47 -19.05 -4.71
CA ARG C 24 6.45 -20.05 -4.41
C ARG C 24 5.31 -19.46 -3.61
N THR C 25 4.10 -19.66 -4.15
CA THR C 25 2.87 -19.21 -3.53
C THR C 25 2.14 -20.41 -2.93
N SER C 26 1.00 -20.15 -2.30
CA SER C 26 0.21 -21.23 -1.72
C SER C 26 -1.23 -20.85 -2.00
N GLN C 27 -1.39 -19.64 -2.52
CA GLN C 27 -2.66 -19.01 -2.78
C GLN C 27 -2.67 -18.69 -4.27
N TYR C 28 -3.69 -18.02 -4.78
CA TYR C 28 -3.69 -17.67 -6.20
C TYR C 28 -4.31 -16.30 -6.45
N GLY C 29 -3.92 -15.71 -7.58
CA GLY C 29 -4.25 -14.35 -7.93
C GLY C 29 -3.03 -13.57 -8.38
N SER C 30 -3.22 -12.73 -9.39
CA SER C 30 -2.22 -11.87 -10.02
C SER C 30 -0.90 -11.75 -9.28
N LEU C 31 0.16 -12.32 -9.84
CA LEU C 31 1.46 -12.19 -9.21
C LEU C 31 2.29 -11.18 -9.99
N ALA C 32 3.02 -10.33 -9.27
CA ALA C 32 3.75 -9.27 -9.94
C ALA C 32 5.21 -9.25 -9.51
N TRP C 33 6.06 -8.67 -10.34
CA TRP C 33 7.46 -8.55 -10.00
C TRP C 33 7.83 -7.08 -10.07
N TYR C 34 8.61 -6.65 -9.09
CA TYR C 34 9.13 -5.28 -9.00
C TYR C 34 10.65 -5.25 -9.00
N GLN C 35 11.22 -4.15 -9.50
CA GLN C 35 12.66 -3.94 -9.43
C GLN C 35 12.98 -2.67 -8.67
N GLN C 36 13.86 -2.77 -7.68
CA GLN C 36 14.31 -1.59 -6.94
C GLN C 36 15.81 -1.35 -7.11
N ARG C 37 16.16 -0.21 -7.69
CA ARG C 37 17.55 0.17 -7.84
C ARG C 37 17.97 0.96 -6.60
N PRO C 38 19.22 0.80 -6.17
CA PRO C 38 19.75 1.44 -4.96
C PRO C 38 19.35 2.91 -4.84
N GLY C 39 18.44 3.22 -3.92
CA GLY C 39 18.09 4.61 -3.64
C GLY C 39 16.97 5.18 -4.48
N GLN C 40 16.25 4.33 -5.19
CA GLN C 40 15.14 4.77 -6.04
C GLN C 40 13.86 4.03 -5.66
N ALA C 41 12.72 4.54 -6.12
CA ALA C 41 11.45 3.85 -5.90
C ALA C 41 11.37 2.62 -6.79
N PRO C 42 10.80 1.53 -6.26
CA PRO C 42 10.54 0.31 -7.02
C PRO C 42 9.78 0.62 -8.31
N ARG C 43 10.01 -0.16 -9.34
CA ARG C 43 9.24 -0.02 -10.57
C ARG C 43 8.53 -1.34 -10.87
N LEU C 44 7.23 -1.27 -11.15
CA LEU C 44 6.53 -2.46 -11.62
C LEU C 44 7.23 -2.98 -12.87
N VAL C 45 7.53 -4.27 -12.88
CA VAL C 45 8.24 -4.91 -13.98
C VAL C 45 7.31 -5.86 -14.69
N ILE C 46 6.56 -6.66 -13.93
CA ILE C 46 5.67 -7.62 -14.56
C ILE C 46 4.42 -7.82 -13.71
N TYR C 47 3.27 -8.02 -14.34
CA TYR C 47 2.07 -8.35 -13.59
C TYR C 47 1.26 -9.44 -14.27
N SER C 48 0.37 -10.08 -13.51
CA SER C 48 -0.39 -11.24 -13.97
C SER C 48 0.57 -12.38 -14.22
N GLY C 49 1.76 -12.28 -13.63
CA GLY C 49 2.78 -13.31 -13.75
C GLY C 49 3.51 -13.35 -15.08
N SER C 50 2.90 -12.81 -16.13
CA SER C 50 3.45 -12.97 -17.47
C SER C 50 3.41 -11.71 -18.33
N THR C 51 2.90 -10.61 -17.79
CA THR C 51 2.66 -9.42 -18.61
C THR C 51 3.63 -8.30 -18.29
N ARG C 52 4.32 -7.80 -19.31
CA ARG C 52 5.26 -6.70 -19.12
C ARG C 52 4.54 -5.36 -18.95
N ALA C 53 5.14 -4.48 -18.15
CA ALA C 53 4.59 -3.12 -17.97
C ALA C 53 5.14 -2.19 -19.03
N ALA C 54 4.72 -0.93 -18.98
CA ALA C 54 5.14 0.06 -19.97
C ALA C 54 6.62 0.36 -19.85
N GLY C 55 7.32 0.31 -20.99
CA GLY C 55 8.75 0.61 -21.02
C GLY C 55 9.61 -0.58 -20.69
N ILE C 56 8.97 -1.70 -20.34
CA ILE C 56 9.70 -2.94 -20.09
C ILE C 56 9.96 -3.71 -21.40
N PRO C 57 11.26 -3.99 -21.70
CA PRO C 57 11.66 -4.62 -22.96
C PRO C 57 11.44 -6.13 -22.94
N ASP C 58 11.56 -6.78 -24.10
CA ASP C 58 11.35 -8.21 -24.25
C ASP C 58 12.22 -9.09 -23.34
N ARG C 59 13.36 -8.55 -22.94
CA ARG C 59 14.35 -9.27 -22.13
C ARG C 59 13.78 -9.84 -20.84
N PHE C 60 12.83 -9.12 -20.24
CA PHE C 60 12.14 -9.57 -19.03
C PHE C 60 10.94 -10.44 -19.39
N SER C 61 10.84 -11.62 -18.79
CA SER C 61 9.70 -12.48 -19.05
C SER C 61 9.34 -13.31 -17.82
N GLY C 62 8.07 -13.60 -17.63
CA GLY C 62 7.64 -14.42 -16.52
C GLY C 62 6.90 -15.68 -16.93
N SER C 63 6.94 -16.71 -16.08
CA SER C 63 6.24 -17.96 -16.38
C SER C 63 5.72 -18.62 -15.10
N ARG C 64 4.88 -19.63 -15.27
CA ARG C 64 4.21 -20.27 -14.13
C ARG C 64 4.01 -21.79 -14.23
N TRP C 65 4.11 -22.44 -13.08
CA TRP C 65 3.76 -23.84 -12.89
C TRP C 65 3.22 -24.09 -11.48
N GLY C 66 1.91 -24.25 -11.38
CA GLY C 66 1.26 -24.40 -10.10
C GLY C 66 1.52 -23.20 -9.24
N ALA C 67 2.15 -23.44 -8.09
CA ALA C 67 2.42 -22.37 -7.14
C ALA C 67 3.68 -21.61 -7.53
N ASP C 68 4.49 -22.24 -8.38
CA ASP C 68 5.80 -21.68 -8.70
C ASP C 68 5.74 -20.66 -9.83
N TYR C 69 6.45 -19.56 -9.65
CA TYR C 69 6.49 -18.47 -10.61
C TYR C 69 7.93 -18.10 -10.86
N ASN C 70 8.35 -18.01 -12.10
CA ASN C 70 9.70 -17.50 -12.38
C ASN C 70 9.70 -16.19 -13.13
N LEU C 71 10.66 -15.37 -12.76
CA LEU C 71 11.01 -14.21 -13.54
C LEU C 71 12.40 -14.44 -14.15
N SER C 72 12.48 -14.26 -15.46
CA SER C 72 13.68 -14.51 -16.23
C SER C 72 14.14 -13.24 -16.93
N ILE C 73 15.39 -12.87 -16.67
CA ILE C 73 15.98 -11.71 -17.30
C ILE C 73 17.15 -12.13 -18.18
N SER C 74 17.00 -12.02 -19.49
CA SER C 74 18.05 -12.47 -20.39
C SER C 74 18.89 -11.27 -20.79
N ASN C 75 20.15 -11.53 -21.11
CA ASN C 75 21.10 -10.52 -21.56
C ASN C 75 21.26 -9.36 -20.57
N LEU C 76 21.59 -9.69 -19.32
CA LEU C 76 21.75 -8.71 -18.24
C LEU C 76 22.58 -7.51 -18.66
N GLU C 77 22.20 -6.33 -18.18
CA GLU C 77 23.01 -5.13 -18.40
C GLU C 77 22.99 -4.25 -17.16
N SER C 78 23.97 -3.36 -17.05
CA SER C 78 24.22 -2.56 -15.85
C SER C 78 22.98 -2.05 -15.12
N GLY C 79 22.03 -1.50 -15.88
CA GLY C 79 20.80 -0.95 -15.33
C GLY C 79 19.90 -1.95 -14.63
N ASP C 80 20.00 -3.21 -15.04
CA ASP C 80 19.11 -4.27 -14.56
C ASP C 80 19.41 -4.69 -13.12
N PHE C 81 20.63 -4.46 -12.68
CA PHE C 81 21.05 -4.92 -11.37
C PHE C 81 20.37 -4.11 -10.25
N GLY C 82 20.00 -4.80 -9.17
CA GLY C 82 19.32 -4.18 -8.04
C GLY C 82 18.67 -5.28 -7.23
N VAL C 83 17.48 -5.04 -6.67
CA VAL C 83 16.79 -6.14 -5.99
C VAL C 83 15.34 -6.31 -6.46
N TYR C 84 14.90 -7.57 -6.53
CA TYR C 84 13.59 -7.87 -7.11
C TYR C 84 12.62 -8.49 -6.12
N TYR C 85 11.35 -8.12 -6.24
CA TYR C 85 10.32 -8.60 -5.32
C TYR C 85 9.14 -9.21 -6.05
N CYS C 86 8.64 -10.35 -5.56
CA CYS C 86 7.36 -10.85 -6.02
C CYS C 86 6.21 -10.40 -5.12
N GLN C 87 5.02 -10.28 -5.68
CA GLN C 87 3.90 -9.78 -4.91
C GLN C 87 2.59 -10.48 -5.28
N GLN C 88 1.81 -10.78 -4.26
CA GLN C 88 0.50 -11.35 -4.45
C GLN C 88 -0.45 -10.61 -3.51
N TYR C 89 -1.28 -9.75 -4.09
CA TYR C 89 -2.12 -8.81 -3.34
C TYR C 89 -1.24 -7.94 -2.47
N GLU C 90 -1.47 -7.99 -1.15
CA GLU C 90 -0.75 -7.16 -0.20
C GLU C 90 0.56 -7.78 0.30
N PHE C 91 0.79 -9.05 -0.07
CA PHE C 91 1.97 -9.76 0.41
C PHE C 91 3.14 -9.67 -0.55
N PHE C 92 4.34 -9.54 0.01
CA PHE C 92 5.57 -9.52 -0.76
C PHE C 92 6.53 -10.64 -0.35
N GLY C 93 7.45 -10.97 -1.26
CA GLY C 93 8.51 -11.92 -0.96
C GLY C 93 9.67 -11.27 -0.23
N GLN C 94 10.62 -12.09 0.23
CA GLN C 94 11.73 -11.58 1.02
C GLN C 94 12.70 -10.77 0.16
N GLY C 95 12.55 -10.89 -1.16
CA GLY C 95 13.43 -10.18 -2.08
C GLY C 95 14.59 -11.03 -2.59
N THR C 96 15.09 -10.71 -3.78
CA THR C 96 16.29 -11.35 -4.31
C THR C 96 17.23 -10.28 -4.82
N LYS C 97 18.42 -10.19 -4.23
CA LYS C 97 19.40 -9.21 -4.71
C LYS C 97 20.18 -9.78 -5.87
N VAL C 98 20.08 -9.10 -7.01
CA VAL C 98 20.81 -9.43 -8.22
C VAL C 98 21.90 -8.42 -8.46
N GLN C 99 23.16 -8.83 -8.37
CA GLN C 99 24.23 -7.86 -8.53
C GLN C 99 25.19 -8.17 -9.67
N VAL C 100 25.89 -7.11 -10.06
CA VAL C 100 26.78 -7.10 -11.21
C VAL C 100 28.21 -7.46 -10.85
N ASP C 101 28.77 -8.39 -11.62
CA ASP C 101 30.17 -8.67 -11.51
C ASP C 101 30.69 -8.75 -12.94
N ILE C 102 31.27 -7.65 -13.42
CA ILE C 102 31.88 -7.68 -14.74
C ILE C 102 33.19 -8.45 -14.67
N LYS C 103 33.34 -9.46 -15.52
CA LYS C 103 34.53 -10.31 -15.50
C LYS C 103 35.80 -9.61 -15.97
N ARG C 104 36.91 -9.95 -15.34
CA ARG C 104 38.21 -9.38 -15.67
C ARG C 104 39.31 -10.31 -15.16
N THR C 105 40.56 -10.01 -15.49
CA THR C 105 41.68 -10.81 -15.02
C THR C 105 41.86 -10.62 -13.51
N VAL C 106 42.31 -11.67 -12.83
CA VAL C 106 42.49 -11.63 -11.39
C VAL C 106 43.54 -10.58 -11.00
N ALA C 107 43.21 -9.77 -10.01
CA ALA C 107 44.11 -8.75 -9.50
C ALA C 107 44.21 -8.81 -7.97
N ALA C 108 45.43 -8.94 -7.48
CA ALA C 108 45.72 -9.00 -6.06
C ALA C 108 45.55 -7.64 -5.40
N PRO C 109 45.16 -7.62 -4.11
CA PRO C 109 44.94 -6.40 -3.34
C PRO C 109 46.23 -5.70 -2.98
N SER C 110 46.25 -4.37 -3.04
CA SER C 110 47.32 -3.66 -2.36
C SER C 110 46.92 -3.45 -0.91
N VAL C 111 47.78 -3.83 0.02
CA VAL C 111 47.38 -3.82 1.42
C VAL C 111 48.16 -2.76 2.18
N PHE C 112 47.42 -1.94 2.93
CA PHE C 112 48.02 -0.90 3.75
C PHE C 112 47.44 -0.94 5.15
N ILE C 113 48.27 -0.74 6.17
CA ILE C 113 47.73 -0.65 7.53
C ILE C 113 48.02 0.74 8.14
N PHE C 114 47.04 1.26 8.86
CA PHE C 114 47.13 2.55 9.51
C PHE C 114 46.88 2.42 11.01
N PRO C 115 47.86 2.88 11.81
CA PRO C 115 47.72 2.95 13.26
C PRO C 115 46.79 4.10 13.63
N PRO C 116 46.26 4.09 14.86
CA PRO C 116 45.41 5.19 15.31
C PRO C 116 46.20 6.49 15.39
N SER C 117 45.55 7.59 15.03
CA SER C 117 46.18 8.90 15.13
C SER C 117 46.32 9.26 16.60
N ASP C 118 47.26 10.13 16.92
CA ASP C 118 47.43 10.59 18.29
C ASP C 118 46.18 11.35 18.74
N GLU C 119 45.59 12.09 17.81
CA GLU C 119 44.40 12.88 18.09
C GLU C 119 43.24 12.02 18.56
N GLN C 120 43.09 10.85 17.96
CA GLN C 120 42.04 9.91 18.33
C GLN C 120 42.35 9.29 19.69
N LEU C 121 43.61 8.89 19.90
CA LEU C 121 44.04 8.31 21.16
C LEU C 121 43.75 9.26 22.32
N LYS C 122 43.87 10.55 22.04
CA LYS C 122 43.58 11.58 23.04
C LYS C 122 42.12 11.53 23.50
N SER C 123 41.22 11.03 22.65
CA SER C 123 39.80 10.94 22.98
C SER C 123 39.46 9.66 23.75
N GLY C 124 40.48 8.82 23.94
CA GLY C 124 40.33 7.60 24.73
C GLY C 124 39.79 6.41 23.97
N THR C 125 39.95 6.43 22.65
CA THR C 125 39.54 5.31 21.79
C THR C 125 40.60 5.13 20.70
N ALA C 126 40.62 3.94 20.10
CA ALA C 126 41.65 3.65 19.09
C ALA C 126 41.08 2.83 17.94
N SER C 127 41.29 3.32 16.72
CA SER C 127 40.87 2.58 15.52
C SER C 127 42.06 2.26 14.65
N VAL C 128 42.25 0.97 14.38
CA VAL C 128 43.28 0.52 13.46
C VAL C 128 42.61 0.20 12.13
N VAL C 129 43.12 0.79 11.05
CA VAL C 129 42.47 0.62 9.74
C VAL C 129 43.31 -0.16 8.74
N CYS C 130 42.71 -1.14 8.08
CA CYS C 130 43.42 -1.91 7.07
C CYS C 130 42.72 -1.77 5.71
N LEU C 131 43.44 -1.25 4.73
CA LEU C 131 42.91 -1.06 3.38
C LEU C 131 43.39 -2.12 2.41
N LEU C 132 42.43 -2.68 1.67
CA LEU C 132 42.72 -3.59 0.58
C LEU C 132 42.26 -2.90 -0.70
N ASN C 133 43.22 -2.45 -1.51
CA ASN C 133 42.93 -1.58 -2.64
C ASN C 133 42.96 -2.34 -3.98
N ASN C 134 41.99 -2.04 -4.84
CA ASN C 134 41.94 -2.51 -6.24
C ASN C 134 42.22 -4.00 -6.44
N PHE C 135 41.24 -4.84 -6.12
CA PHE C 135 41.42 -6.27 -6.25
C PHE C 135 40.24 -6.92 -6.96
N TYR C 136 40.46 -8.14 -7.46
CA TYR C 136 39.44 -8.94 -8.11
C TYR C 136 39.78 -10.43 -8.06
N PRO C 137 38.79 -11.30 -7.84
CA PRO C 137 37.36 -10.99 -7.67
C PRO C 137 37.05 -10.39 -6.29
N ARG C 138 35.78 -10.30 -5.97
CA ARG C 138 35.38 -9.57 -4.78
C ARG C 138 35.63 -10.30 -3.46
N GLU C 139 35.56 -11.63 -3.49
CA GLU C 139 35.79 -12.40 -2.27
C GLU C 139 37.19 -12.17 -1.72
N ALA C 140 37.28 -11.95 -0.41
CA ALA C 140 38.57 -11.72 0.23
C ALA C 140 38.42 -11.87 1.73
N LYS C 141 39.51 -12.21 2.42
CA LYS C 141 39.42 -12.37 3.86
C LYS C 141 40.44 -11.50 4.57
N VAL C 142 39.98 -10.84 5.63
CA VAL C 142 40.85 -10.02 6.47
C VAL C 142 40.90 -10.68 7.83
N GLN C 143 42.09 -10.70 8.41
CA GLN C 143 42.35 -11.40 9.64
C GLN C 143 43.15 -10.51 10.59
N TRP C 144 42.49 -9.98 11.61
CA TRP C 144 43.19 -9.13 12.58
C TRP C 144 43.92 -9.94 13.62
N LYS C 145 45.14 -9.50 13.92
CA LYS C 145 45.96 -10.14 14.96
C LYS C 145 46.63 -9.10 15.84
N VAL C 146 46.47 -9.27 17.15
CA VAL C 146 47.05 -8.39 18.15
C VAL C 146 48.01 -9.15 19.06
N ASP C 147 49.30 -8.92 18.83
CA ASP C 147 50.37 -9.71 19.44
C ASP C 147 50.19 -11.18 19.12
N ASN C 148 49.90 -11.44 17.85
CA ASN C 148 49.74 -12.79 17.33
C ASN C 148 48.44 -13.43 17.82
N ALA C 149 47.61 -12.65 18.53
CA ALA C 149 46.32 -13.18 18.96
C ALA C 149 45.24 -12.86 17.93
N LEU C 150 44.58 -13.91 17.44
CA LEU C 150 43.52 -13.72 16.47
C LEU C 150 42.30 -13.00 17.07
N GLN C 151 41.90 -11.93 16.38
CA GLN C 151 40.79 -11.06 16.77
C GLN C 151 39.47 -11.36 16.08
N SER C 152 38.59 -12.00 16.83
CA SER C 152 37.27 -12.38 16.33
C SER C 152 36.16 -11.50 16.88
N GLY C 153 35.58 -10.65 16.03
CA GLY C 153 34.45 -9.81 16.40
C GLY C 153 34.73 -8.42 16.95
N ASN C 154 35.93 -7.92 16.70
CA ASN C 154 36.33 -6.60 17.17
C ASN C 154 36.41 -5.63 16.02
N SER C 155 35.95 -6.04 14.84
CA SER C 155 36.08 -5.19 13.67
C SER C 155 34.88 -5.17 12.73
N GLN C 156 34.88 -4.18 11.84
CA GLN C 156 33.86 -4.01 10.80
C GLN C 156 34.46 -3.82 9.41
N GLU C 157 33.87 -4.44 8.40
CA GLU C 157 34.35 -4.32 7.02
C GLU C 157 33.38 -3.46 6.20
N SER C 158 33.89 -2.85 5.14
CA SER C 158 33.07 -2.09 4.21
C SER C 158 33.67 -2.18 2.82
N VAL C 159 32.84 -2.46 1.82
CA VAL C 159 33.34 -2.60 0.47
C VAL C 159 32.69 -1.65 -0.53
N THR C 160 33.50 -1.07 -1.42
CA THR C 160 32.99 -0.23 -2.48
C THR C 160 32.27 -1.10 -3.51
N GLU C 161 31.42 -0.48 -4.33
CA GLU C 161 30.89 -1.21 -5.48
C GLU C 161 31.99 -1.32 -6.53
N GLN C 162 31.81 -2.26 -7.45
CA GLN C 162 32.80 -2.50 -8.50
C GLN C 162 33.09 -1.21 -9.27
N ASP C 163 34.37 -0.85 -9.38
CA ASP C 163 34.79 0.38 -10.04
C ASP C 163 34.39 0.38 -11.52
N SER C 164 33.82 1.49 -11.99
CA SER C 164 33.33 1.57 -13.37
C SER C 164 34.46 1.57 -14.39
N LYS C 165 35.62 2.08 -14.00
CA LYS C 165 36.76 2.21 -14.91
C LYS C 165 37.59 0.93 -15.03
N ASP C 166 38.04 0.38 -13.90
CA ASP C 166 38.90 -0.79 -13.95
C ASP C 166 38.30 -2.10 -13.45
N SER C 167 37.05 -2.05 -13.01
CA SER C 167 36.30 -3.25 -12.58
C SER C 167 36.85 -3.90 -11.30
N THR C 168 37.64 -3.17 -10.52
CA THR C 168 38.14 -3.74 -9.28
C THR C 168 37.28 -3.37 -8.06
N TYR C 169 37.60 -3.98 -6.93
CA TYR C 169 36.94 -3.70 -5.66
C TYR C 169 37.94 -3.20 -4.62
N SER C 170 37.44 -2.50 -3.63
CA SER C 170 38.30 -2.10 -2.52
C SER C 170 37.56 -2.33 -1.20
N LEU C 171 38.30 -2.76 -0.19
CA LEU C 171 37.68 -3.13 1.08
C LEU C 171 38.45 -2.44 2.19
N SER C 172 37.72 -1.99 3.20
CA SER C 172 38.32 -1.35 4.35
C SER C 172 37.86 -2.04 5.62
N SER C 173 38.81 -2.39 6.48
CA SER C 173 38.49 -3.08 7.73
C SER C 173 38.97 -2.26 8.92
N THR C 174 38.07 -2.05 9.88
CA THR C 174 38.39 -1.21 11.03
C THR C 174 38.23 -1.99 12.32
N LEU C 175 39.34 -2.10 13.05
CA LEU C 175 39.38 -2.74 14.35
C LEU C 175 39.41 -1.66 15.43
N THR C 176 38.40 -1.67 16.30
CA THR C 176 38.26 -0.64 17.32
C THR C 176 38.52 -1.20 18.71
N LEU C 177 39.22 -0.41 19.54
CA LEU C 177 39.56 -0.84 20.89
C LEU C 177 39.60 0.34 21.83
N SER C 178 39.44 0.07 23.12
CA SER C 178 39.63 1.05 24.18
C SER C 178 41.09 1.49 24.14
N LYS C 179 41.36 2.75 24.47
CA LYS C 179 42.73 3.26 24.53
C LYS C 179 43.60 2.40 25.44
N ALA C 180 43.04 1.93 26.55
CA ALA C 180 43.80 1.09 27.47
C ALA C 180 44.18 -0.25 26.85
N ASP C 181 43.25 -0.89 26.13
CA ASP C 181 43.56 -2.14 25.47
C ASP C 181 44.59 -1.91 24.39
N TYR C 182 44.42 -0.82 23.64
CA TYR C 182 45.39 -0.55 22.58
C TYR C 182 46.78 -0.38 23.17
N GLU C 183 46.85 0.21 24.35
CA GLU C 183 48.15 0.46 24.97
C GLU C 183 48.65 -0.74 25.79
N LYS C 184 47.85 -1.81 25.81
CA LYS C 184 48.23 -3.06 26.47
C LYS C 184 49.16 -3.91 25.59
N HIS C 185 48.99 -3.79 24.27
CA HIS C 185 49.67 -4.63 23.29
C HIS C 185 50.62 -3.88 22.36
N LYS C 186 51.40 -4.62 21.57
CA LYS C 186 52.49 -4.03 20.79
C LYS C 186 52.35 -4.26 19.28
N VAL C 187 52.23 -5.52 18.86
CA VAL C 187 52.21 -5.84 17.44
C VAL C 187 50.81 -5.94 16.83
N TYR C 188 50.45 -4.98 15.98
CA TYR C 188 49.16 -5.00 15.29
C TYR C 188 49.31 -5.39 13.83
N ALA C 189 48.77 -6.56 13.51
CA ALA C 189 48.89 -7.16 12.20
C ALA C 189 47.55 -7.35 11.49
N CYS C 190 47.58 -7.18 10.18
CA CYS C 190 46.45 -7.39 9.30
C CYS C 190 46.84 -8.42 8.25
N GLU C 191 46.16 -9.56 8.27
CA GLU C 191 46.48 -10.66 7.36
C GLU C 191 45.39 -10.85 6.31
N VAL C 192 45.77 -10.73 5.04
CA VAL C 192 44.84 -10.77 3.93
C VAL C 192 44.98 -12.02 3.08
N THR C 193 43.89 -12.73 2.86
CA THR C 193 43.92 -13.88 1.95
C THR C 193 43.00 -13.60 0.78
N HIS C 194 43.46 -13.96 -0.41
CA HIS C 194 42.70 -13.71 -1.64
C HIS C 194 43.17 -14.64 -2.75
N GLN C 195 42.37 -14.75 -3.81
CA GLN C 195 42.66 -15.65 -4.93
C GLN C 195 43.94 -15.27 -5.67
N GLY C 196 44.27 -13.99 -5.65
CA GLY C 196 45.43 -13.50 -6.36
C GLY C 196 46.73 -13.64 -5.59
N LEU C 197 46.62 -13.97 -4.30
CA LEU C 197 47.79 -14.15 -3.44
C LEU C 197 48.11 -15.63 -3.29
N SER C 198 49.30 -16.03 -3.73
CA SER C 198 49.73 -17.43 -3.58
C SER C 198 49.82 -17.83 -2.11
N SER C 199 49.98 -16.84 -1.24
CA SER C 199 49.96 -17.05 0.20
C SER C 199 49.52 -15.76 0.88
N PRO C 200 48.90 -15.88 2.07
CA PRO C 200 48.37 -14.72 2.80
C PRO C 200 49.39 -13.62 3.03
N VAL C 201 48.95 -12.37 2.91
CA VAL C 201 49.84 -11.23 3.08
C VAL C 201 49.55 -10.48 4.37
N THR C 202 50.60 -10.30 5.18
CA THR C 202 50.45 -9.66 6.47
C THR C 202 51.14 -8.31 6.50
N LYS C 203 50.36 -7.22 6.52
CA LYS C 203 50.94 -5.90 6.74
C LYS C 203 50.75 -5.59 8.22
N SER C 204 51.77 -5.05 8.86
CA SER C 204 51.70 -4.86 10.30
C SER C 204 52.50 -3.66 10.80
N PHE C 205 52.48 -3.47 12.12
CA PHE C 205 53.24 -2.39 12.74
C PHE C 205 53.29 -2.55 14.23
N ASN C 206 54.30 -1.95 14.85
CA ASN C 206 54.40 -1.96 16.31
C ASN C 206 53.92 -0.65 16.92
N ARG C 207 53.09 -0.77 17.95
CA ARG C 207 52.53 0.37 18.68
C ARG C 207 53.62 1.35 19.14
N GLY C 208 53.40 2.64 18.89
CA GLY C 208 54.30 3.67 19.38
C GLY C 208 55.66 3.69 18.73
N GLU C 209 55.70 3.60 17.41
CA GLU C 209 56.95 3.66 16.68
C GLU C 209 56.81 4.53 15.43
C1 NAG D . -9.66 -14.77 -6.96
C2 NAG D . -10.56 -15.99 -6.79
C3 NAG D . -9.82 -17.31 -7.05
C4 NAG D . -9.02 -17.25 -8.34
C5 NAG D . -8.19 -15.97 -8.39
C6 NAG D . -7.50 -15.85 -9.75
C7 NAG D . -12.38 -16.37 -5.25
C8 NAG D . -12.80 -16.65 -3.84
N2 NAG D . -11.12 -16.02 -5.45
O3 NAG D . -10.75 -18.38 -7.10
O4 NAG D . -8.12 -18.32 -8.39
O5 NAG D . -8.97 -14.81 -8.19
O6 NAG D . -7.07 -14.52 -9.94
O7 NAG D . -13.20 -16.48 -6.18
C1 NAG D . -8.51 -19.39 -9.28
C2 NAG D . -8.30 -20.76 -8.67
C3 NAG D . -8.06 -21.73 -9.83
C4 NAG D . -8.82 -21.29 -11.10
C5 NAG D . -10.01 -20.32 -10.87
C6 NAG D . -11.33 -21.05 -10.68
C7 NAG D . -6.27 -21.73 -7.65
C8 NAG D . -6.55 -22.82 -6.66
N2 NAG D . -7.17 -20.76 -7.74
O3 NAG D . -8.45 -23.04 -9.47
O4 NAG D . -7.93 -20.72 -12.06
O5 NAG D . -9.82 -19.37 -9.82
O6 NAG D . -11.31 -21.88 -9.54
O7 NAG D . -5.24 -21.77 -8.33
C1 BMA D . -6.98 -21.65 -12.62
C2 BMA D . -7.58 -22.96 -12.98
C3 BMA D . -6.53 -23.88 -13.44
C4 BMA D . -6.00 -23.40 -14.63
C5 BMA D . -5.40 -22.04 -14.42
C6 BMA D . -4.89 -21.38 -15.68
O2 BMA D . -8.55 -22.77 -14.00
O3 BMA D . -7.15 -25.14 -13.60
O4 BMA D . -4.98 -24.32 -14.99
O5 BMA D . -6.30 -21.11 -13.72
O6 BMA D . -3.72 -20.64 -15.54
C1 MAN D . -2.69 -20.82 -16.56
C2 MAN D . -3.09 -21.60 -17.83
C3 MAN D . -2.87 -23.11 -17.77
C4 MAN D . -1.53 -23.43 -17.11
C5 MAN D . -1.49 -22.72 -15.76
C6 MAN D . -0.29 -23.12 -14.89
O2 MAN D . -2.35 -21.08 -18.91
O3 MAN D . -2.87 -23.63 -19.08
O4 MAN D . -1.42 -24.82 -16.94
O5 MAN D . -1.47 -21.33 -16.01
O6 MAN D . -0.43 -24.44 -14.39
C1 MAN D . -1.71 -24.60 -13.75
C2 MAN D . -1.51 -24.90 -12.26
C3 MAN D . -0.86 -26.28 -12.10
C4 MAN D . -1.60 -27.34 -12.90
C5 MAN D . -1.79 -26.87 -14.34
C6 MAN D . -2.61 -27.89 -15.13
O2 MAN D . -2.75 -24.85 -11.59
O3 MAN D . -0.85 -26.66 -10.74
O4 MAN D . -0.86 -28.54 -12.85
O5 MAN D . -2.46 -25.63 -14.35
O6 MAN D . -2.74 -27.46 -16.47
C1 MAN D . -7.67 -25.58 -12.32
C2 MAN D . -6.54 -26.06 -11.42
C3 MAN D . -6.02 -27.41 -11.90
C4 MAN D . -7.17 -28.39 -12.08
C5 MAN D . -8.26 -27.78 -12.96
C6 MAN D . -9.46 -28.72 -13.06
O2 MAN D . -6.99 -26.18 -10.09
O3 MAN D . -5.10 -27.92 -10.96
O4 MAN D . -6.70 -29.59 -12.67
O5 MAN D . -8.69 -26.56 -12.42
O6 MAN D . -10.44 -28.12 -13.87
C1 NAG E . -38.47 1.13 3.16
C2 NAG E . -38.34 2.64 3.30
C3 NAG E . -39.45 3.24 4.13
C4 NAG E . -40.82 2.72 3.68
C5 NAG E . -40.83 1.21 3.56
C6 NAG E . -42.15 0.81 2.93
C7 NAG E . -36.15 3.69 3.31
C8 NAG E . -34.94 4.03 4.12
N2 NAG E . -37.09 3.00 3.94
O3 NAG E . -39.37 4.64 3.99
O4 NAG E . -41.82 3.06 4.63
O5 NAG E . -39.77 0.75 2.74
O6 NAG E . -42.09 -0.52 2.48
O7 NAG E . -36.25 4.06 2.15
C1 NAG E . -42.59 4.18 4.18
C2 NAG E . -44.03 4.03 4.66
C3 NAG E . -44.87 5.22 4.25
C4 NAG E . -44.17 6.53 4.59
C5 NAG E . -42.74 6.51 4.09
C6 NAG E . -41.99 7.76 4.51
C7 NAG E . -45.06 1.85 4.93
C8 NAG E . -46.34 1.18 4.49
N2 NAG E . -44.62 2.82 4.13
O3 NAG E . -46.13 5.12 4.89
O4 NAG E . -44.84 7.60 3.99
O5 NAG E . -42.06 5.40 4.64
O6 NAG E . -41.66 7.64 5.89
O7 NAG E . -44.48 1.51 5.95
C1 BMA E . -45.69 8.26 4.95
C2 BMA E . -45.82 9.71 4.59
C3 BMA E . -46.40 10.38 5.77
C4 BMA E . -47.68 9.89 6.05
C5 BMA E . -47.74 8.37 6.10
C6 BMA E . -49.16 7.84 6.03
O2 BMA E . -46.66 9.79 3.45
O3 BMA E . -46.37 11.79 5.61
O4 BMA E . -47.98 10.40 7.34
O5 BMA E . -46.93 7.70 5.10
O6 BMA E . -50.09 8.44 6.85
C1 MAN E . -47.42 12.39 4.83
C2 MAN E . -46.90 12.87 3.48
C3 MAN E . -45.80 13.88 3.72
C4 MAN E . -46.29 15.03 4.60
C5 MAN E . -46.99 14.49 5.86
C6 MAN E . -47.67 15.59 6.69
O2 MAN E . -47.94 13.44 2.73
O3 MAN E . -45.32 14.37 2.49
O4 MAN E . -45.22 15.87 4.94
O5 MAN E . -47.96 13.53 5.50
O6 MAN E . -46.76 16.60 7.06
C1 MAN E . -50.96 7.47 7.45
C2 MAN E . -51.80 6.77 6.38
C3 MAN E . -52.68 7.78 5.63
C4 MAN E . -53.46 8.63 6.63
C5 MAN E . -52.51 9.19 7.70
C6 MAN E . -53.22 10.04 8.74
O2 MAN E . -52.61 5.80 7.00
O3 MAN E . -53.58 7.13 4.75
O4 MAN E . -54.08 9.69 5.95
O5 MAN E . -51.85 8.11 8.34
O6 MAN E . -52.27 10.78 9.48
C1 NAG F . -31.53 -18.86 5.50
C2 NAG F . -32.48 -20.02 5.79
C3 NAG F . -31.87 -21.00 6.79
C4 NAG F . -30.43 -21.38 6.44
C5 NAG F . -29.59 -20.18 6.02
C6 NAG F . -28.28 -20.63 5.39
C7 NAG F . -34.82 -19.41 5.51
C8 NAG F . -35.93 -18.54 6.04
N2 NAG F . -33.74 -19.53 6.29
O3 NAG F . -32.67 -22.15 6.85
O4 NAG F . -29.85 -22.01 7.56
O5 NAG F . -30.27 -19.36 5.07
O6 NAG F . -27.39 -19.54 5.31
O7 NAG F . -34.93 -19.95 4.41
C1 NAG F . -29.42 -23.35 7.21
C2 NAG F . -28.30 -23.81 8.13
C3 NAG F . -27.84 -25.23 7.83
C4 NAG F . -29.02 -26.19 7.55
C5 NAG F . -30.10 -25.53 6.69
C6 NAG F . -31.35 -26.41 6.61
C7 NAG F . -26.81 -22.11 9.00
C8 NAG F . -25.68 -21.16 8.71
N2 NAG F . -27.16 -22.92 8.02
O3 NAG F . -27.10 -25.71 8.93
O4 NAG F . -28.49 -27.33 6.87
O5 NAG F . -30.48 -24.29 7.24
O6 NAG F . -32.41 -25.68 6.04
O7 NAG F . -27.38 -22.10 10.10
C1 BMA F . -28.71 -28.51 7.66
C2 BMA F . -28.71 -29.70 6.75
C3 BMA F . -28.97 -30.94 7.48
C4 BMA F . -28.14 -31.12 8.58
C5 BMA F . -28.11 -29.91 9.48
C6 BMA F . -27.15 -30.04 10.65
O2 BMA F . -27.46 -29.80 6.08
O3 BMA F . -28.68 -31.96 6.54
O4 BMA F . -28.70 -32.21 9.32
O5 BMA F . -27.85 -28.68 8.74
O6 BMA F . -26.09 -30.90 10.51
C1 NAG G . -20.53 4.51 18.57
C2 NAG G . -19.78 5.84 18.71
C3 NAG G . -18.47 5.61 19.47
C4 NAG G . -18.78 5.02 20.83
C5 NAG G . -19.53 3.69 20.64
C6 NAG G . -20.03 3.11 21.93
C7 NAG G . -18.84 5.96 16.42
C8 NAG G . -18.77 6.80 15.15
N2 NAG G . -19.55 6.48 17.43
O3 NAG G . -17.75 6.83 19.53
O4 NAG G . -17.61 4.72 21.59
O5 NAG G . -20.72 3.90 19.86
O6 NAG G . -21.44 3.23 21.97
O7 NAG G . -18.26 4.84 16.51
C1 NAG H . -41.41 1.75 15.72
C2 NAG H . -42.67 0.91 15.99
C3 NAG H . -43.71 1.72 16.76
C4 NAG H . -43.08 2.37 17.98
C5 NAG H . -41.84 3.17 17.56
C6 NAG H . -41.14 3.84 18.74
C7 NAG H . -43.20 -0.84 14.40
C8 NAG H . -43.68 -1.22 13.03
N2 NAG H . -43.23 0.44 14.73
O3 NAG H . -44.74 0.85 17.16
O4 NAG H . -44.02 3.21 18.62
O5 NAG H . -40.92 2.30 16.92
O6 NAG H . -40.59 2.88 19.61
O7 NAG H . -42.78 -1.71 15.17
C1 NAG I . -19.24 -17.82 -7.04
C2 NAG I . -17.77 -17.85 -6.65
C3 NAG I . -16.91 -18.59 -7.67
C4 NAG I . -17.56 -19.93 -8.05
C5 NAG I . -19.03 -19.73 -8.43
C6 NAG I . -19.71 -21.07 -8.73
C7 NAG I . -17.14 -15.92 -5.26
C8 NAG I . -15.94 -15.05 -5.06
N2 NAG I . -17.27 -16.48 -6.46
O3 NAG I . -15.62 -18.83 -7.17
O4 NAG I . -16.84 -20.50 -9.13
O5 NAG I . -19.71 -19.11 -7.38
O6 NAG I . -19.05 -21.69 -9.82
O7 NAG I . -17.94 -16.10 -4.34
C1 NAG J . -38.17 -10.66 18.43
C2 NAG J . -39.58 -10.68 18.99
C3 NAG J . -40.16 -12.07 19.11
C4 NAG J . -39.93 -12.89 17.85
C5 NAG J . -38.43 -12.92 17.60
C6 NAG J . -38.08 -13.78 16.40
C7 NAG J . -39.79 -8.91 20.70
C8 NAG J . -39.00 -8.37 21.87
N2 NAG J . -39.62 -10.18 20.35
O3 NAG J . -41.54 -11.98 19.42
O4 NAG J . -40.44 -14.20 18.02
O5 NAG J . -37.96 -11.60 17.38
O6 NAG J . -38.32 -15.14 16.71
O7 NAG J . -40.58 -8.17 20.10
C1 NAG K . 11.49 -21.30 -14.23
C2 NAG K . 12.37 -22.40 -13.62
C3 NAG K . 11.87 -23.81 -14.00
C4 NAG K . 10.38 -23.95 -13.74
C5 NAG K . 9.61 -22.84 -14.46
C6 NAG K . 8.13 -22.87 -14.19
C7 NAG K . 14.79 -22.87 -13.53
C8 NAG K . 16.14 -22.56 -14.13
N2 NAG K . 13.75 -22.23 -14.06
O3 NAG K . 12.57 -24.77 -13.21
O4 NAG K . 9.92 -25.21 -14.21
O5 NAG K . 10.09 -21.58 -13.97
O6 NAG K . 7.89 -23.21 -12.83
O7 NAG K . 14.66 -23.68 -12.59
#